data_8FBO
#
_entry.id   8FBO
#
_cell.length_a   89.400
_cell.length_b   89.400
_cell.length_c   273.038
_cell.angle_alpha   90.000
_cell.angle_beta   90.000
_cell.angle_gamma   90.000
#
_symmetry.space_group_name_H-M   'P 43 21 2'
#
_entity_poly.entity_id   1
_entity_poly.type   'polypeptide(L)'
_entity_poly.pdbx_seq_one_letter_code
;MTEEKIEEARQSIKEAERSLREGNPEKALDAVARALSLVNELERLARKTGSTEVLIEAARLAIEVARVALKVGSPEMAQL
AVELALRLVQELERQARKTGSTEVLIEAARLAIEVARVAFKVGSPETAREAARTALELVEELERQARKTGSEEVLERAAR
LAEEVARVAEEIGDPELARKAMKVAIRLTEELLKKSLRELRRILEELKEMLERLEKNPDKDVIVKVLKVIVKAIEASVEN
QRISADNQRALARLAGSWSGGGSEQKLISEEDLGGS
;
_entity_poly.pdbx_strand_id   A,B,C
#
# COMPACT_ATOMS: atom_id res chain seq x y z
N THR A 2 -38.44 8.43 35.51
CA THR A 2 -37.59 8.95 34.45
C THR A 2 -36.96 7.83 33.63
N GLU A 3 -36.14 7.01 34.27
CA GLU A 3 -35.44 5.93 33.59
C GLU A 3 -35.54 4.57 34.26
N GLU A 4 -36.10 4.48 35.47
CA GLU A 4 -36.29 3.17 36.10
C GLU A 4 -37.53 2.45 35.59
N LYS A 5 -38.49 3.17 35.01
CA LYS A 5 -39.61 2.54 34.32
C LYS A 5 -39.18 1.80 33.06
N ILE A 6 -37.90 1.90 32.71
CA ILE A 6 -37.37 1.24 31.52
C ILE A 6 -37.11 -0.24 31.80
N GLU A 7 -36.81 -0.60 33.04
CA GLU A 7 -36.51 -1.98 33.40
C GLU A 7 -37.65 -2.94 33.08
N GLU A 8 -38.85 -2.43 32.77
CA GLU A 8 -39.89 -3.29 32.23
C GLU A 8 -39.48 -3.86 30.87
N ALA A 9 -38.80 -3.05 30.05
CA ALA A 9 -38.32 -3.54 28.76
C ALA A 9 -37.24 -4.60 28.94
N ARG A 10 -36.41 -4.49 29.98
CA ARG A 10 -35.41 -5.52 30.24
C ARG A 10 -36.06 -6.85 30.61
N GLN A 11 -37.08 -6.80 31.46
CA GLN A 11 -37.71 -8.04 31.93
C GLN A 11 -38.57 -8.67 30.84
N SER A 12 -39.23 -7.84 30.02
CA SER A 12 -40.09 -8.39 28.97
C SER A 12 -39.28 -9.06 27.87
N ILE A 13 -38.02 -8.65 27.69
CA ILE A 13 -37.16 -9.32 26.71
C ILE A 13 -36.63 -10.62 27.29
N LYS A 14 -36.33 -10.66 28.59
CA LYS A 14 -35.89 -11.89 29.23
C LYS A 14 -36.98 -12.95 29.17
N GLU A 15 -38.24 -12.53 29.30
CA GLU A 15 -39.36 -13.46 29.20
C GLU A 15 -39.61 -13.92 27.77
N ALA A 16 -39.19 -13.14 26.78
CA ALA A 16 -39.49 -13.47 25.39
C ALA A 16 -38.70 -14.70 24.94
N GLU A 17 -37.43 -14.81 25.34
CA GLU A 17 -36.61 -15.93 24.90
C GLU A 17 -36.94 -17.22 25.66
N ARG A 18 -37.41 -17.10 26.90
CA ARG A 18 -37.77 -18.30 27.66
C ARG A 18 -39.11 -18.87 27.23
N SER A 19 -40.05 -18.01 26.81
CA SER A 19 -41.31 -18.49 26.25
C SER A 19 -41.17 -18.96 24.81
N LEU A 20 -40.01 -18.74 24.17
CA LEU A 20 -39.77 -19.27 22.84
C LEU A 20 -39.49 -20.77 22.89
N ARG A 21 -38.74 -21.23 23.90
CA ARG A 21 -38.36 -22.63 23.96
C ARG A 21 -39.56 -23.52 24.28
N GLU A 22 -40.54 -23.01 25.00
CA GLU A 22 -41.71 -23.81 25.36
C GLU A 22 -42.52 -24.19 24.11
N GLY A 23 -42.89 -23.20 23.32
CA GLY A 23 -43.67 -23.46 22.12
C GLY A 23 -44.83 -22.50 21.95
N ASN A 24 -44.92 -21.51 22.84
CA ASN A 24 -45.97 -20.50 22.77
C ASN A 24 -45.56 -19.40 21.79
N PRO A 25 -46.17 -19.35 20.60
CA PRO A 25 -45.73 -18.35 19.61
C PRO A 25 -46.33 -16.97 19.85
N GLU A 26 -47.58 -16.92 20.32
CA GLU A 26 -48.24 -15.65 20.56
C GLU A 26 -47.88 -15.06 21.92
N LYS A 27 -47.53 -15.91 22.89
CA LYS A 27 -47.07 -15.40 24.17
C LYS A 27 -45.60 -14.96 24.10
N ALA A 28 -44.82 -15.52 23.19
CA ALA A 28 -43.48 -15.01 22.95
C ALA A 28 -43.51 -13.75 22.11
N LEU A 29 -44.40 -13.68 21.13
CA LEU A 29 -44.59 -12.45 20.37
C LEU A 29 -45.17 -11.34 21.26
N ASP A 30 -45.87 -11.69 22.33
CA ASP A 30 -46.38 -10.70 23.26
C ASP A 30 -45.23 -10.01 23.99
N ALA A 31 -44.32 -10.79 24.58
CA ALA A 31 -43.19 -10.21 25.29
C ALA A 31 -42.26 -9.44 24.35
N VAL A 32 -42.26 -9.81 23.07
CA VAL A 32 -41.49 -9.05 22.08
C VAL A 32 -42.22 -7.76 21.73
N ALA A 33 -43.54 -7.82 21.58
CA ALA A 33 -44.30 -6.62 21.25
C ALA A 33 -44.31 -5.62 22.39
N ARG A 34 -44.35 -6.11 23.63
CA ARG A 34 -44.24 -5.22 24.78
C ARG A 34 -42.92 -4.46 24.78
N ALA A 35 -41.83 -5.16 24.44
CA ALA A 35 -40.53 -4.51 24.36
C ALA A 35 -40.52 -3.43 23.28
N LEU A 36 -41.10 -3.75 22.11
CA LEU A 36 -41.11 -2.79 21.01
C LEU A 36 -41.88 -1.53 21.39
N SER A 37 -43.02 -1.68 22.08
CA SER A 37 -43.80 -0.52 22.47
C SER A 37 -43.12 0.23 23.62
N LEU A 38 -42.49 -0.50 24.55
CA LEU A 38 -41.76 0.16 25.63
C LEU A 38 -40.54 0.90 25.07
N VAL A 39 -39.76 0.25 24.21
CA VAL A 39 -38.62 0.91 23.59
C VAL A 39 -39.06 2.13 22.81
N ASN A 40 -40.25 2.07 22.20
CA ASN A 40 -40.80 3.24 21.53
C ASN A 40 -40.98 4.40 22.50
N GLU A 41 -41.43 4.10 23.72
CA GLU A 41 -41.62 5.17 24.71
C GLU A 41 -40.29 5.66 25.27
N LEU A 42 -39.25 4.81 25.26
CA LEU A 42 -37.93 5.26 25.68
C LEU A 42 -37.38 6.32 24.73
N GLU A 43 -37.80 6.29 23.47
CA GLU A 43 -37.36 7.32 22.52
C GLU A 43 -37.81 8.71 22.97
N ARG A 44 -38.97 8.82 23.61
CA ARG A 44 -39.45 10.08 24.13
C ARG A 44 -39.16 10.29 25.61
N LEU A 45 -38.99 9.19 26.38
CA LEU A 45 -38.60 9.33 27.77
C LEU A 45 -37.15 9.78 27.89
N ALA A 46 -36.27 9.28 27.02
CA ALA A 46 -34.88 9.70 27.04
C ALA A 46 -34.70 11.11 26.49
N ARG A 47 -35.67 11.62 25.72
CA ARG A 47 -35.58 13.00 25.25
C ARG A 47 -35.85 13.98 26.40
N LYS A 48 -36.58 13.55 27.42
CA LYS A 48 -36.78 14.38 28.60
C LYS A 48 -35.57 14.30 29.53
N THR A 49 -35.04 13.09 29.73
CA THR A 49 -33.90 12.94 30.62
C THR A 49 -32.59 13.30 29.95
N GLY A 50 -32.52 13.24 28.62
CA GLY A 50 -31.29 13.52 27.91
C GLY A 50 -30.12 12.61 28.23
N SER A 51 -30.35 11.46 28.86
CA SER A 51 -29.25 10.58 29.24
C SER A 51 -28.78 9.76 28.04
N THR A 52 -27.46 9.75 27.82
CA THR A 52 -26.91 8.95 26.74
C THR A 52 -26.95 7.47 27.03
N GLU A 53 -26.89 7.09 28.32
CA GLU A 53 -26.87 5.67 28.67
C GLU A 53 -28.20 5.00 28.37
N VAL A 54 -29.31 5.70 28.55
CA VAL A 54 -30.62 5.14 28.24
C VAL A 54 -30.74 4.90 26.74
N LEU A 55 -30.35 5.89 25.93
CA LEU A 55 -30.39 5.73 24.48
C LEU A 55 -29.51 4.57 24.02
N ILE A 56 -28.38 4.35 24.71
CA ILE A 56 -27.53 3.22 24.37
C ILE A 56 -28.22 1.90 24.72
N GLU A 57 -28.68 1.77 25.96
CA GLU A 57 -29.30 0.52 26.40
C GLU A 57 -30.64 0.29 25.70
N ALA A 58 -31.37 1.36 25.35
CA ALA A 58 -32.58 1.18 24.57
C ALA A 58 -32.26 0.71 23.16
N ALA A 59 -31.14 1.16 22.60
CA ALA A 59 -30.74 0.70 21.27
C ALA A 59 -30.27 -0.76 21.32
N ARG A 60 -29.55 -1.13 22.38
CA ARG A 60 -29.09 -2.52 22.50
C ARG A 60 -30.26 -3.47 22.70
N LEU A 61 -31.29 -3.04 23.43
CA LEU A 61 -32.48 -3.86 23.58
C LEU A 61 -33.23 -3.99 22.25
N ALA A 62 -33.35 -2.89 21.52
CA ALA A 62 -34.05 -2.92 20.24
C ALA A 62 -33.34 -3.81 19.23
N ILE A 63 -32.01 -3.91 19.32
CA ILE A 63 -31.27 -4.80 18.43
C ILE A 63 -31.53 -6.26 18.79
N GLU A 64 -31.53 -6.57 20.10
CA GLU A 64 -31.80 -7.93 20.52
C GLU A 64 -33.25 -8.32 20.28
N VAL A 65 -34.17 -7.35 20.28
CA VAL A 65 -35.55 -7.64 19.92
C VAL A 65 -35.64 -8.06 18.46
N ALA A 66 -34.93 -7.35 17.58
CA ALA A 66 -34.88 -7.75 16.18
C ALA A 66 -34.23 -9.11 16.00
N ARG A 67 -33.22 -9.43 16.82
CA ARG A 67 -32.61 -10.75 16.74
C ARG A 67 -33.56 -11.83 17.21
N VAL A 68 -34.36 -11.54 18.23
CA VAL A 68 -35.38 -12.49 18.67
C VAL A 68 -36.49 -12.60 17.64
N ALA A 69 -36.99 -11.46 17.17
CA ALA A 69 -38.09 -11.45 16.21
C ALA A 69 -37.77 -12.21 14.92
N LEU A 70 -36.48 -12.38 14.61
CA LEU A 70 -36.11 -13.21 13.46
C LEU A 70 -36.29 -14.68 13.76
N LYS A 71 -35.89 -15.12 14.96
CA LYS A 71 -36.04 -16.52 15.33
C LYS A 71 -37.49 -16.88 15.61
N VAL A 72 -38.31 -15.89 15.98
CA VAL A 72 -39.74 -16.15 16.16
C VAL A 72 -40.41 -16.40 14.81
N GLY A 73 -40.03 -15.63 13.80
CA GLY A 73 -40.60 -15.73 12.49
C GLY A 73 -41.39 -14.51 12.02
N SER A 74 -41.12 -13.33 12.59
CA SER A 74 -41.83 -12.09 12.24
C SER A 74 -40.82 -11.10 11.68
N PRO A 75 -40.53 -11.15 10.38
CA PRO A 75 -39.57 -10.19 9.80
C PRO A 75 -40.08 -8.76 9.77
N GLU A 76 -41.36 -8.52 10.08
CA GLU A 76 -41.88 -7.16 10.17
C GLU A 76 -41.68 -6.55 11.55
N MET A 77 -41.77 -7.35 12.61
CA MET A 77 -41.38 -6.87 13.93
C MET A 77 -39.89 -6.56 14.00
N ALA A 78 -39.08 -7.34 13.28
CA ALA A 78 -37.64 -7.08 13.24
C ALA A 78 -37.30 -5.88 12.36
N GLN A 79 -38.06 -5.67 11.28
CA GLN A 79 -37.86 -4.49 10.46
C GLN A 79 -38.06 -3.22 11.27
N LEU A 80 -39.18 -3.13 12.00
CA LEU A 80 -39.42 -1.97 12.85
C LEU A 80 -38.36 -1.85 13.93
N ALA A 81 -37.98 -2.97 14.55
CA ALA A 81 -37.01 -2.93 15.64
C ALA A 81 -35.67 -2.36 15.17
N VAL A 82 -35.28 -2.66 13.93
CA VAL A 82 -34.05 -2.10 13.39
C VAL A 82 -34.24 -0.63 13.05
N GLU A 83 -35.39 -0.29 12.44
CA GLU A 83 -35.68 1.10 12.14
C GLU A 83 -35.71 1.95 13.41
N LEU A 84 -36.17 1.38 14.52
CA LEU A 84 -36.16 2.10 15.78
C LEU A 84 -34.77 2.19 16.40
N ALA A 85 -33.87 1.27 16.05
CA ALA A 85 -32.49 1.37 16.50
C ALA A 85 -31.77 2.54 15.81
N LEU A 86 -32.06 2.75 14.53
CA LEU A 86 -31.48 3.88 13.81
C LEU A 86 -31.90 5.20 14.42
N ARG A 87 -33.18 5.35 14.75
CA ARG A 87 -33.66 6.57 15.38
C ARG A 87 -32.96 6.82 16.70
N LEU A 88 -32.61 5.76 17.43
CA LEU A 88 -31.91 5.91 18.70
C LEU A 88 -30.44 6.24 18.48
N VAL A 89 -29.79 5.59 17.50
CA VAL A 89 -28.38 5.85 17.24
C VAL A 89 -28.18 7.28 16.75
N GLN A 90 -29.03 7.72 15.82
CA GLN A 90 -28.90 9.08 15.30
C GLN A 90 -29.16 10.13 16.36
N GLU A 91 -29.94 9.79 17.39
CA GLU A 91 -30.14 10.73 18.50
C GLU A 91 -28.90 10.79 19.40
N LEU A 92 -28.18 9.68 19.54
CA LEU A 92 -26.88 9.74 20.20
C LEU A 92 -25.88 10.55 19.39
N GLU A 93 -25.98 10.51 18.06
CA GLU A 93 -25.12 11.32 17.23
C GLU A 93 -25.39 12.81 17.43
N ARG A 94 -26.63 13.17 17.76
CA ARG A 94 -26.94 14.57 18.08
C ARG A 94 -26.43 14.95 19.46
N GLN A 95 -26.61 14.06 20.45
CA GLN A 95 -26.16 14.35 21.80
C GLN A 95 -24.64 14.27 21.94
N ALA A 96 -23.97 13.49 21.07
CA ALA A 96 -22.52 13.39 21.15
C ALA A 96 -21.82 14.57 20.45
N ARG A 97 -22.49 15.23 19.51
CA ARG A 97 -21.95 16.47 18.96
C ARG A 97 -22.22 17.65 19.87
N LYS A 98 -23.36 17.66 20.56
CA LYS A 98 -23.69 18.77 21.45
C LYS A 98 -22.96 18.67 22.78
N THR A 99 -22.64 17.46 23.24
CA THR A 99 -21.83 17.28 24.44
C THR A 99 -20.35 17.10 24.13
N GLY A 100 -20.00 16.81 22.89
CA GLY A 100 -18.61 16.69 22.49
C GLY A 100 -17.87 15.52 23.07
N SER A 101 -18.54 14.61 23.76
CA SER A 101 -17.86 13.47 24.37
C SER A 101 -17.47 12.46 23.30
N THR A 102 -16.22 11.99 23.36
CA THR A 102 -15.75 11.00 22.41
C THR A 102 -16.16 9.59 22.81
N GLU A 103 -16.40 9.34 24.11
CA GLU A 103 -16.80 8.02 24.54
C GLU A 103 -18.16 7.64 23.97
N VAL A 104 -19.10 8.59 23.96
CA VAL A 104 -20.41 8.33 23.38
C VAL A 104 -20.29 8.11 21.87
N LEU A 105 -19.41 8.88 21.21
CA LEU A 105 -19.19 8.70 19.78
C LEU A 105 -18.68 7.30 19.46
N ILE A 106 -17.89 6.70 20.35
CA ILE A 106 -17.35 5.37 20.09
C ILE A 106 -18.41 4.30 20.26
N GLU A 107 -19.17 4.36 21.36
CA GLU A 107 -20.22 3.37 21.58
C GLU A 107 -21.37 3.56 20.61
N ALA A 108 -21.65 4.80 20.19
CA ALA A 108 -22.67 5.01 19.17
C ALA A 108 -22.23 4.47 17.82
N ALA A 109 -20.93 4.53 17.51
CA ALA A 109 -20.44 3.96 16.26
C ALA A 109 -20.53 2.44 16.30
N ARG A 110 -20.28 1.83 17.46
CA ARG A 110 -20.44 0.38 17.59
C ARG A 110 -21.88 -0.04 17.42
N LEU A 111 -22.84 0.78 17.86
CA LEU A 111 -24.24 0.45 17.68
C LEU A 111 -24.64 0.52 16.21
N ALA A 112 -24.19 1.56 15.50
CA ALA A 112 -24.53 1.69 14.09
C ALA A 112 -23.97 0.54 13.27
N ILE A 113 -22.88 -0.09 13.73
CA ILE A 113 -22.35 -1.25 13.04
C ILE A 113 -23.22 -2.48 13.30
N GLU A 114 -23.67 -2.65 14.54
CA GLU A 114 -24.57 -3.76 14.86
C GLU A 114 -25.90 -3.60 14.15
N VAL A 115 -26.38 -2.36 14.01
CA VAL A 115 -27.64 -2.13 13.31
C VAL A 115 -27.53 -2.54 11.85
N ALA A 116 -26.37 -2.31 11.24
CA ALA A 116 -26.18 -2.62 9.83
C ALA A 116 -26.13 -4.13 9.61
N ARG A 117 -25.36 -4.84 10.43
CA ARG A 117 -25.26 -6.29 10.27
C ARG A 117 -26.60 -6.98 10.51
N VAL A 118 -27.37 -6.49 11.49
CA VAL A 118 -28.64 -7.13 11.82
C VAL A 118 -29.66 -6.90 10.71
N ALA A 119 -29.65 -5.72 10.09
CA ALA A 119 -30.72 -5.36 9.17
C ALA A 119 -30.70 -6.18 7.88
N PHE A 120 -29.60 -6.86 7.56
CA PHE A 120 -29.60 -7.74 6.41
C PHE A 120 -30.15 -9.13 6.73
N LYS A 121 -29.81 -9.67 7.90
CA LYS A 121 -30.48 -10.87 8.38
C LYS A 121 -31.95 -10.60 8.68
N VAL A 122 -32.32 -9.34 8.90
CA VAL A 122 -33.73 -8.97 9.05
C VAL A 122 -34.40 -8.86 7.68
N GLY A 123 -33.86 -8.01 6.82
CA GLY A 123 -34.39 -7.87 5.48
C GLY A 123 -34.74 -6.46 5.08
N SER A 124 -34.05 -5.47 5.65
CA SER A 124 -34.25 -4.06 5.34
C SER A 124 -32.91 -3.44 4.97
N PRO A 125 -32.41 -3.71 3.76
CA PRO A 125 -31.07 -3.21 3.39
C PRO A 125 -30.98 -1.71 3.26
N GLU A 126 -32.09 -1.01 3.00
CA GLU A 126 -32.04 0.43 2.85
C GLU A 126 -31.71 1.11 4.17
N THR A 127 -32.31 0.63 5.26
CA THR A 127 -31.96 1.17 6.58
C THR A 127 -30.54 0.77 6.99
N ALA A 128 -30.08 -0.40 6.53
CA ALA A 128 -28.73 -0.83 6.87
C ALA A 128 -27.68 0.01 6.17
N ARG A 129 -27.92 0.39 4.91
CA ARG A 129 -27.00 1.30 4.23
C ARG A 129 -26.93 2.64 4.95
N GLU A 130 -28.09 3.16 5.39
CA GLU A 130 -28.09 4.37 6.19
C GLU A 130 -27.50 4.13 7.58
N ALA A 131 -27.46 2.89 8.05
CA ALA A 131 -26.76 2.59 9.29
C ALA A 131 -25.25 2.65 9.10
N ALA A 132 -24.75 2.19 7.96
CA ALA A 132 -23.33 2.29 7.67
C ALA A 132 -22.92 3.72 7.33
N ARG A 133 -23.81 4.47 6.67
CA ARG A 133 -23.53 5.88 6.40
C ARG A 133 -23.39 6.66 7.70
N THR A 134 -24.29 6.43 8.66
CA THR A 134 -24.18 7.11 9.94
C THR A 134 -22.99 6.61 10.75
N ALA A 135 -22.54 5.37 10.51
CA ALA A 135 -21.36 4.87 11.20
C ALA A 135 -20.10 5.58 10.73
N LEU A 136 -19.98 5.82 9.43
CA LEU A 136 -18.84 6.57 8.91
C LEU A 136 -18.88 8.03 9.33
N GLU A 137 -20.07 8.60 9.47
CA GLU A 137 -20.20 9.97 9.97
C GLU A 137 -19.63 10.10 11.38
N LEU A 138 -19.85 9.07 12.21
CA LEU A 138 -19.32 9.10 13.56
C LEU A 138 -17.81 8.89 13.56
N VAL A 139 -17.31 7.99 12.71
CA VAL A 139 -15.88 7.76 12.62
C VAL A 139 -15.17 9.00 12.08
N GLU A 140 -15.80 9.69 11.12
CA GLU A 140 -15.22 10.93 10.61
C GLU A 140 -15.28 12.06 11.63
N GLU A 141 -16.21 11.98 12.60
CA GLU A 141 -16.18 12.93 13.71
C GLU A 141 -15.14 12.53 14.75
N LEU A 142 -14.84 11.24 14.86
CA LEU A 142 -13.70 10.83 15.68
C LEU A 142 -12.38 11.25 15.04
N GLU A 143 -12.33 11.30 13.71
CA GLU A 143 -11.17 11.86 13.03
C GLU A 143 -10.94 13.31 13.45
N ARG A 144 -11.98 14.13 13.37
CA ARG A 144 -11.85 15.54 13.70
C ARG A 144 -11.44 15.74 15.15
N GLN A 145 -11.98 14.93 16.07
CA GLN A 145 -11.66 15.11 17.47
C GLN A 145 -10.33 14.47 17.86
N ALA A 146 -9.95 13.36 17.22
CA ALA A 146 -8.67 12.74 17.53
C ALA A 146 -7.50 13.56 17.01
N ARG A 147 -7.71 14.32 15.93
CA ARG A 147 -6.69 15.24 15.45
C ARG A 147 -6.69 16.57 16.21
N LYS A 148 -7.67 16.79 17.08
CA LYS A 148 -7.66 17.96 17.96
C LYS A 148 -7.08 17.61 19.33
N THR A 149 -7.56 16.52 19.94
CA THR A 149 -7.01 16.07 21.21
C THR A 149 -5.66 15.38 21.04
N GLY A 150 -5.33 14.92 19.84
CA GLY A 150 -4.04 14.31 19.58
C GLY A 150 -3.79 12.99 20.27
N SER A 151 -4.82 12.37 20.85
CA SER A 151 -4.63 11.13 21.59
C SER A 151 -4.36 9.98 20.63
N GLU A 152 -3.31 9.21 20.92
CA GLU A 152 -2.99 8.03 20.13
C GLU A 152 -3.87 6.83 20.45
N GLU A 153 -4.91 7.02 21.27
CA GLU A 153 -5.87 5.96 21.57
C GLU A 153 -7.17 6.11 20.78
N VAL A 154 -7.64 7.34 20.57
CA VAL A 154 -8.83 7.54 19.76
C VAL A 154 -8.49 7.34 18.29
N LEU A 155 -7.26 7.67 17.88
CA LEU A 155 -6.82 7.35 16.53
C LEU A 155 -6.83 5.84 16.28
N GLU A 156 -6.38 5.07 17.27
CA GLU A 156 -6.38 3.61 17.13
C GLU A 156 -7.80 3.06 17.10
N ARG A 157 -8.65 3.53 18.01
CA ARG A 157 -10.02 3.03 18.07
C ARG A 157 -10.82 3.42 16.83
N ALA A 158 -10.67 4.66 16.37
CA ALA A 158 -11.36 5.09 15.17
C ALA A 158 -10.85 4.37 13.93
N ALA A 159 -9.58 3.97 13.93
CA ALA A 159 -9.06 3.17 12.82
C ALA A 159 -9.61 1.75 12.88
N ARG A 160 -9.81 1.21 14.07
CA ARG A 160 -10.44 -0.10 14.20
C ARG A 160 -11.90 -0.06 13.76
N LEU A 161 -12.62 1.00 14.13
CA LEU A 161 -14.03 1.11 13.77
C LEU A 161 -14.21 1.27 12.27
N ALA A 162 -13.39 2.12 11.64
CA ALA A 162 -13.50 2.33 10.20
C ALA A 162 -13.25 1.05 9.42
N GLU A 163 -12.35 0.20 9.90
CA GLU A 163 -12.12 -1.08 9.23
C GLU A 163 -13.29 -2.04 9.44
N GLU A 164 -13.97 -1.96 10.59
CA GLU A 164 -15.18 -2.74 10.78
C GLU A 164 -16.33 -2.19 9.94
N VAL A 165 -16.39 -0.86 9.78
CA VAL A 165 -17.40 -0.26 8.92
C VAL A 165 -17.21 -0.71 7.48
N ALA A 166 -15.95 -0.81 7.04
CA ALA A 166 -15.68 -1.24 5.67
C ALA A 166 -15.97 -2.72 5.49
N ARG A 167 -15.65 -3.54 6.49
CA ARG A 167 -15.98 -4.96 6.40
C ARG A 167 -17.49 -5.18 6.46
N VAL A 168 -18.20 -4.34 7.22
CA VAL A 168 -19.66 -4.39 7.19
C VAL A 168 -20.18 -3.98 5.83
N ALA A 169 -19.67 -2.87 5.29
CA ALA A 169 -20.08 -2.40 3.96
C ALA A 169 -19.76 -3.42 2.88
N GLU A 170 -18.78 -4.31 3.11
CA GLU A 170 -18.54 -5.39 2.17
C GLU A 170 -19.59 -6.49 2.32
N GLU A 171 -20.02 -6.78 3.55
CA GLU A 171 -21.18 -7.63 3.77
C GLU A 171 -22.46 -6.96 3.29
N ILE A 172 -22.48 -5.63 3.23
CA ILE A 172 -23.67 -4.91 2.78
C ILE A 172 -23.90 -5.14 1.31
N GLY A 173 -22.89 -4.87 0.49
CA GLY A 173 -23.06 -4.69 -0.94
C GLY A 173 -22.79 -3.27 -1.39
N ASP A 174 -22.25 -2.41 -0.53
CA ASP A 174 -21.86 -1.04 -0.85
C ASP A 174 -20.35 -0.96 -0.91
N PRO A 175 -19.72 -1.22 -2.06
CA PRO A 175 -18.28 -0.99 -2.18
C PRO A 175 -17.92 0.48 -2.10
N GLU A 176 -18.88 1.38 -2.35
CA GLU A 176 -18.62 2.81 -2.18
C GLU A 176 -18.35 3.13 -0.72
N LEU A 177 -19.19 2.61 0.18
CA LEU A 177 -18.99 2.85 1.61
C LEU A 177 -17.76 2.12 2.12
N ALA A 178 -17.50 0.91 1.60
CA ALA A 178 -16.32 0.16 2.02
C ALA A 178 -15.04 0.88 1.64
N ARG A 179 -14.99 1.47 0.44
CA ARG A 179 -13.81 2.20 0.03
C ARG A 179 -13.72 3.56 0.70
N LYS A 180 -14.84 4.18 1.04
CA LYS A 180 -14.80 5.39 1.87
C LYS A 180 -14.26 5.08 3.26
N ALA A 181 -14.74 3.99 3.86
CA ALA A 181 -14.32 3.64 5.21
C ALA A 181 -12.86 3.19 5.24
N MET A 182 -12.40 2.46 4.21
CA MET A 182 -11.02 2.04 4.17
C MET A 182 -10.08 3.24 4.01
N LYS A 183 -10.43 4.19 3.14
CA LYS A 183 -9.64 5.41 3.02
C LYS A 183 -9.54 6.13 4.35
N VAL A 184 -10.68 6.29 5.03
CA VAL A 184 -10.68 6.91 6.36
C VAL A 184 -9.76 6.16 7.30
N ALA A 185 -9.75 4.83 7.20
CA ALA A 185 -8.84 4.04 8.04
C ALA A 185 -7.38 4.31 7.70
N ILE A 186 -7.09 4.59 6.44
CA ILE A 186 -5.70 4.80 6.04
C ILE A 186 -5.22 6.17 6.49
N ARG A 187 -6.07 7.19 6.39
CA ARG A 187 -5.67 8.53 6.83
C ARG A 187 -5.37 8.55 8.32
N LEU A 188 -6.03 7.70 9.11
CA LEU A 188 -5.75 7.62 10.53
C LEU A 188 -4.45 6.86 10.81
N THR A 189 -4.36 5.63 10.30
CA THR A 189 -3.17 4.81 10.56
C THR A 189 -1.90 5.41 9.99
N GLU A 190 -2.01 6.34 9.04
CA GLU A 190 -0.82 7.05 8.56
C GLU A 190 -0.32 8.03 9.61
N GLU A 191 -1.22 8.82 10.20
CA GLU A 191 -0.83 9.70 11.28
C GLU A 191 -0.48 8.96 12.56
N LEU A 192 -0.81 7.66 12.64
CA LEU A 192 -0.23 6.82 13.68
C LEU A 192 1.22 6.49 13.37
N LEU A 193 1.54 6.30 12.09
CA LEU A 193 2.93 6.12 11.69
C LEU A 193 3.74 7.40 11.90
N LYS A 194 3.12 8.55 11.72
CA LYS A 194 3.81 9.82 11.94
C LYS A 194 4.26 9.96 13.38
N LYS A 195 3.31 9.85 14.32
CA LYS A 195 3.66 10.03 15.73
C LYS A 195 4.53 8.90 16.24
N SER A 196 4.46 7.72 15.62
CA SER A 196 5.31 6.62 16.05
C SER A 196 6.73 6.75 15.50
N LEU A 197 6.88 7.29 14.29
CA LEU A 197 8.22 7.58 13.78
C LEU A 197 8.83 8.79 14.48
N ARG A 198 8.00 9.75 14.90
CA ARG A 198 8.51 10.86 15.70
C ARG A 198 9.10 10.36 17.01
N GLU A 199 8.53 9.29 17.58
CA GLU A 199 9.10 8.71 18.79
C GLU A 199 10.42 8.01 18.52
N LEU A 200 10.59 7.47 17.31
CA LEU A 200 11.88 6.90 16.94
C LEU A 200 12.94 7.97 16.75
N ARG A 201 12.54 9.15 16.27
CA ARG A 201 13.48 10.25 16.17
C ARG A 201 13.95 10.72 17.54
N ARG A 202 13.11 10.55 18.56
CA ARG A 202 13.51 10.93 19.92
C ARG A 202 14.48 9.91 20.50
N ILE A 203 14.15 8.62 20.41
CA ILE A 203 15.01 7.59 20.98
C ILE A 203 16.31 7.45 20.18
N LEU A 204 16.29 7.83 18.89
CA LEU A 204 17.54 7.86 18.12
C LEU A 204 18.53 8.84 18.72
N GLU A 205 18.12 10.10 18.88
CA GLU A 205 18.97 11.09 19.49
C GLU A 205 19.24 10.79 20.96
N GLU A 206 18.42 9.94 21.59
CA GLU A 206 18.78 9.42 22.90
C GLU A 206 19.89 8.38 22.78
N LEU A 207 19.82 7.51 21.77
CA LEU A 207 20.92 6.60 21.47
C LEU A 207 22.05 7.25 20.70
N LYS A 208 22.09 8.58 20.67
CA LYS A 208 23.22 9.32 20.14
C LYS A 208 23.90 10.19 21.18
N GLU A 209 23.18 10.64 22.20
CA GLU A 209 23.79 11.38 23.29
C GLU A 209 24.14 10.49 24.48
N MET A 210 23.43 9.37 24.64
CA MET A 210 23.83 8.34 25.59
C MET A 210 25.01 7.53 25.10
N LEU A 211 25.55 7.86 23.92
CA LEU A 211 26.70 7.16 23.36
C LEU A 211 27.88 8.10 23.09
N GLU A 212 27.71 9.09 22.22
CA GLU A 212 28.82 9.93 21.79
C GLU A 212 29.46 10.71 22.94
N ARG A 213 28.81 10.77 24.10
CA ARG A 213 29.46 11.19 25.33
C ARG A 213 29.96 10.01 26.16
N LEU A 214 29.31 8.85 26.04
CA LEU A 214 29.66 7.67 26.80
C LEU A 214 30.44 6.65 25.97
N GLU A 215 30.91 7.04 24.79
CA GLU A 215 31.83 6.19 24.02
C GLU A 215 33.25 6.27 24.55
N LYS A 216 33.59 7.32 25.29
CA LYS A 216 34.94 7.46 25.82
C LYS A 216 35.09 6.76 27.16
N ASN A 217 34.01 6.68 27.95
CA ASN A 217 34.02 6.04 29.25
C ASN A 217 33.50 4.63 29.13
N PRO A 218 34.35 3.59 29.19
CA PRO A 218 33.89 2.21 29.08
C PRO A 218 33.49 1.61 30.43
N ASP A 219 32.67 2.33 31.18
CA ASP A 219 32.28 1.89 32.52
C ASP A 219 31.30 0.72 32.43
N LYS A 220 31.19 -0.01 33.54
CA LYS A 220 30.25 -1.12 33.60
C LYS A 220 28.81 -0.62 33.71
N ASP A 221 28.59 0.47 34.45
CA ASP A 221 27.25 1.05 34.53
C ASP A 221 26.91 1.85 33.29
N VAL A 222 27.91 2.44 32.63
CA VAL A 222 27.66 3.16 31.40
C VAL A 222 27.24 2.20 30.29
N ILE A 223 27.95 1.09 30.16
CA ILE A 223 27.64 0.12 29.11
C ILE A 223 26.27 -0.49 29.33
N VAL A 224 25.89 -0.72 30.59
CA VAL A 224 24.56 -1.27 30.87
C VAL A 224 23.49 -0.23 30.59
N LYS A 225 23.76 1.05 30.91
CA LYS A 225 22.85 2.11 30.50
C LYS A 225 22.73 2.17 28.99
N VAL A 226 23.82 1.88 28.28
CA VAL A 226 23.78 1.82 26.82
C VAL A 226 22.85 0.69 26.36
N LEU A 227 23.01 -0.49 26.96
CA LEU A 227 22.17 -1.63 26.61
C LEU A 227 20.71 -1.42 26.99
N LYS A 228 20.43 -0.52 27.93
CA LYS A 228 19.05 -0.24 28.30
C LYS A 228 18.37 0.67 27.27
N VAL A 229 19.11 1.63 26.71
CA VAL A 229 18.54 2.50 25.70
C VAL A 229 18.51 1.80 24.33
N ILE A 230 19.41 0.83 24.11
CA ILE A 230 19.42 0.11 22.85
C ILE A 230 18.14 -0.68 22.66
N VAL A 231 17.73 -1.41 23.70
CA VAL A 231 16.53 -2.24 23.58
C VAL A 231 15.26 -1.39 23.68
N LYS A 232 15.29 -0.30 24.45
CA LYS A 232 14.15 0.61 24.47
C LYS A 232 13.96 1.32 23.12
N ALA A 233 14.97 1.29 22.26
CA ALA A 233 14.81 1.74 20.87
C ALA A 233 14.27 0.62 19.99
N ILE A 234 14.70 -0.62 20.25
CA ILE A 234 14.18 -1.76 19.51
C ILE A 234 12.71 -2.00 19.86
N GLU A 235 12.35 -1.81 21.14
CA GLU A 235 10.96 -1.97 21.55
C GLU A 235 10.05 -1.03 20.78
N ALA A 236 10.52 0.15 20.42
CA ALA A 236 9.70 1.13 19.72
C ALA A 236 9.73 0.98 18.21
N SER A 237 10.87 0.54 17.65
CA SER A 237 10.93 0.27 16.22
C SER A 237 10.14 -0.98 15.85
N VAL A 238 9.92 -1.88 16.81
CA VAL A 238 9.05 -3.03 16.56
C VAL A 238 7.62 -2.57 16.35
N GLU A 239 7.17 -1.58 17.12
CA GLU A 239 5.79 -1.13 17.03
C GLU A 239 5.51 -0.41 15.72
N ASN A 240 6.49 0.29 15.16
CA ASN A 240 6.30 0.91 13.86
C ASN A 240 6.19 -0.14 12.76
N GLN A 241 7.01 -1.20 12.85
CA GLN A 241 6.84 -2.33 11.94
C GLN A 241 5.52 -3.05 12.16
N ARG A 242 4.89 -2.86 13.32
CA ARG A 242 3.52 -3.32 13.51
C ARG A 242 2.52 -2.32 12.92
N ILE A 243 2.77 -1.02 13.12
CA ILE A 243 1.85 -0.01 12.60
C ILE A 243 1.91 0.06 11.09
N SER A 244 3.13 -0.03 10.52
CA SER A 244 3.26 -0.01 9.07
C SER A 244 2.64 -1.24 8.43
N ALA A 245 2.61 -2.36 9.14
CA ALA A 245 1.95 -3.55 8.63
C ALA A 245 0.44 -3.36 8.54
N ASP A 246 -0.14 -2.59 9.47
CA ASP A 246 -1.58 -2.35 9.42
C ASP A 246 -1.94 -1.38 8.29
N ASN A 247 -1.01 -0.51 7.89
CA ASN A 247 -1.21 0.28 6.68
C ASN A 247 -1.21 -0.61 5.44
N GLN A 248 -0.25 -1.53 5.35
CA GLN A 248 -0.23 -2.48 4.25
C GLN A 248 -1.43 -3.42 4.27
N ARG A 249 -2.05 -3.62 5.45
CA ARG A 249 -3.33 -4.30 5.50
C ARG A 249 -4.48 -3.35 5.21
N ALA A 250 -4.35 -2.08 5.57
CA ALA A 250 -5.37 -1.11 5.21
C ALA A 250 -5.34 -0.79 3.72
N LEU A 251 -4.14 -0.74 3.13
CA LEU A 251 -4.04 -0.49 1.70
C LEU A 251 -4.49 -1.69 0.88
N ALA A 252 -4.32 -2.90 1.41
CA ALA A 252 -4.69 -4.10 0.67
C ALA A 252 -6.20 -4.30 0.61
N ARG A 253 -6.94 -3.82 1.62
CA ARG A 253 -8.39 -3.95 1.58
C ARG A 253 -9.03 -3.01 0.57
N LEU A 254 -8.23 -2.19 -0.13
CA LEU A 254 -8.66 -1.53 -1.36
C LEU A 254 -8.40 -2.41 -2.58
N ALA A 255 -8.65 -3.71 -2.44
CA ALA A 255 -8.41 -4.68 -3.51
C ALA A 255 -9.21 -5.95 -3.25
N THR B 2 8.11 -48.77 -21.18
CA THR B 2 7.24 -47.65 -20.80
C THR B 2 8.02 -46.34 -20.76
N GLU B 3 8.90 -46.22 -19.76
CA GLU B 3 9.69 -45.00 -19.60
C GLU B 3 10.91 -44.96 -20.51
N GLU B 4 11.23 -46.04 -21.21
CA GLU B 4 12.31 -46.03 -22.19
C GLU B 4 11.86 -45.42 -23.52
N LYS B 5 10.55 -45.38 -23.78
CA LYS B 5 10.02 -44.68 -24.94
C LYS B 5 10.12 -43.17 -24.80
N ILE B 6 10.55 -42.67 -23.65
CA ILE B 6 10.77 -41.24 -23.47
C ILE B 6 12.01 -40.80 -24.24
N GLU B 7 13.10 -41.57 -24.12
CA GLU B 7 14.35 -41.22 -24.78
C GLU B 7 14.23 -41.29 -26.29
N GLU B 8 13.32 -42.13 -26.81
CA GLU B 8 13.08 -42.15 -28.24
C GLU B 8 12.46 -40.83 -28.70
N ALA B 9 11.56 -40.27 -27.90
CA ALA B 9 10.98 -38.97 -28.23
C ALA B 9 12.00 -37.85 -28.10
N ARG B 10 12.95 -37.99 -27.16
CA ARG B 10 13.98 -36.97 -27.00
C ARG B 10 14.89 -36.91 -28.22
N GLN B 11 15.18 -38.06 -28.83
CA GLN B 11 16.00 -38.07 -30.03
C GLN B 11 15.24 -37.52 -31.23
N SER B 12 13.94 -37.85 -31.33
CA SER B 12 13.15 -37.38 -32.46
C SER B 12 12.97 -35.87 -32.43
N ILE B 13 12.85 -35.28 -31.24
CA ILE B 13 12.78 -33.82 -31.14
C ILE B 13 14.09 -33.19 -31.60
N LYS B 14 15.22 -33.79 -31.21
CA LYS B 14 16.52 -33.26 -31.62
C LYS B 14 16.73 -33.37 -33.12
N GLU B 15 16.20 -34.43 -33.74
CA GLU B 15 16.33 -34.59 -35.17
C GLU B 15 15.60 -33.52 -35.96
N ALA B 16 14.61 -32.84 -35.35
CA ALA B 16 13.81 -31.88 -36.08
C ALA B 16 14.60 -30.59 -36.34
N GLU B 17 15.19 -30.02 -35.29
CA GLU B 17 15.94 -28.77 -35.46
C GLU B 17 17.17 -28.97 -36.33
N ARG B 18 17.79 -30.14 -36.28
CA ARG B 18 18.97 -30.40 -37.09
C ARG B 18 18.60 -30.64 -38.55
N SER B 19 17.44 -31.24 -38.81
CA SER B 19 16.93 -31.33 -40.18
C SER B 19 16.36 -30.00 -40.68
N LEU B 20 16.11 -29.04 -39.78
CA LEU B 20 15.77 -27.70 -40.21
C LEU B 20 16.99 -26.95 -40.72
N ARG B 21 18.16 -27.21 -40.13
CA ARG B 21 19.40 -26.60 -40.61
C ARG B 21 19.85 -27.25 -41.92
N GLU B 22 19.56 -28.53 -42.10
CA GLU B 22 19.86 -29.18 -43.38
C GLU B 22 19.00 -28.61 -44.50
N GLY B 23 17.69 -28.55 -44.28
CA GLY B 23 16.78 -28.02 -45.28
C GLY B 23 15.61 -28.91 -45.57
N ASN B 24 15.49 -30.01 -44.83
CA ASN B 24 14.41 -30.97 -45.01
C ASN B 24 13.16 -30.52 -44.26
N PRO B 25 12.10 -30.10 -44.96
CA PRO B 25 10.89 -29.66 -44.26
C PRO B 25 9.97 -30.82 -43.90
N GLU B 26 9.87 -31.80 -44.80
CA GLU B 26 8.99 -32.94 -44.53
C GLU B 26 9.59 -33.88 -43.50
N LYS B 27 10.91 -34.08 -43.55
CA LYS B 27 11.56 -34.92 -42.56
C LYS B 27 11.69 -34.23 -41.21
N ALA B 28 11.57 -32.91 -41.17
CA ALA B 28 11.46 -32.20 -39.90
C ALA B 28 10.04 -32.30 -39.35
N LEU B 29 9.03 -32.22 -40.23
CA LEU B 29 7.67 -32.42 -39.80
C LEU B 29 7.44 -33.86 -39.33
N ASP B 30 8.13 -34.82 -39.94
CA ASP B 30 8.00 -36.22 -39.51
C ASP B 30 8.56 -36.41 -38.11
N ALA B 31 9.75 -35.86 -37.84
CA ALA B 31 10.34 -35.99 -36.51
C ALA B 31 9.48 -35.31 -35.45
N VAL B 32 8.76 -34.26 -35.83
CA VAL B 32 7.82 -33.65 -34.90
C VAL B 32 6.59 -34.52 -34.74
N ALA B 33 6.12 -35.13 -35.83
CA ALA B 33 4.95 -35.99 -35.77
C ALA B 33 5.23 -37.25 -34.94
N ARG B 34 6.44 -37.81 -35.08
CA ARG B 34 6.82 -38.94 -34.25
C ARG B 34 6.81 -38.56 -32.77
N ALA B 35 7.35 -37.39 -32.44
CA ALA B 35 7.40 -36.95 -31.06
C ALA B 35 6.00 -36.77 -30.48
N LEU B 36 5.10 -36.15 -31.25
CA LEU B 36 3.75 -35.92 -30.75
C LEU B 36 3.02 -37.25 -30.52
N SER B 37 3.26 -38.24 -31.39
CA SER B 37 2.64 -39.54 -31.20
C SER B 37 3.29 -40.32 -30.06
N LEU B 38 4.61 -40.20 -29.93
CA LEU B 38 5.30 -40.87 -28.82
C LEU B 38 4.90 -40.25 -27.48
N VAL B 39 4.87 -38.92 -27.41
CA VAL B 39 4.48 -38.25 -26.17
C VAL B 39 3.04 -38.60 -25.81
N ASN B 40 2.16 -38.68 -26.82
CA ASN B 40 0.79 -39.14 -26.58
C ASN B 40 0.77 -40.49 -25.89
N GLU B 41 1.63 -41.41 -26.35
CA GLU B 41 1.70 -42.71 -25.70
C GLU B 41 2.31 -42.60 -24.31
N LEU B 42 3.23 -41.65 -24.10
CA LEU B 42 3.75 -41.41 -22.77
C LEU B 42 2.68 -40.86 -21.84
N GLU B 43 1.67 -40.18 -22.38
CA GLU B 43 0.57 -39.71 -21.55
C GLU B 43 -0.34 -40.87 -21.15
N ARG B 44 -0.66 -41.76 -22.09
CA ARG B 44 -1.52 -42.90 -21.78
C ARG B 44 -0.84 -43.88 -20.82
N LEU B 45 0.48 -44.04 -20.93
CA LEU B 45 1.19 -44.93 -20.03
C LEU B 45 1.31 -44.33 -18.64
N ALA B 46 1.52 -43.01 -18.55
CA ALA B 46 1.68 -42.37 -17.26
C ALA B 46 0.37 -42.29 -16.48
N ARG B 47 -0.76 -42.20 -17.18
CA ARG B 47 -2.05 -42.21 -16.51
C ARG B 47 -2.33 -43.57 -15.88
N LYS B 48 -1.68 -44.64 -16.34
CA LYS B 48 -1.85 -45.96 -15.77
C LYS B 48 -0.81 -46.27 -14.71
N THR B 49 0.43 -45.78 -14.88
CA THR B 49 1.46 -45.97 -13.88
C THR B 49 1.36 -44.99 -12.71
N GLY B 50 0.68 -43.85 -12.91
CA GLY B 50 0.47 -42.89 -11.85
C GLY B 50 1.71 -42.17 -11.37
N SER B 51 2.84 -42.32 -12.06
CA SER B 51 4.07 -41.68 -11.66
C SER B 51 4.02 -40.19 -11.99
N THR B 52 4.34 -39.35 -11.00
CA THR B 52 4.32 -37.91 -11.22
C THR B 52 5.50 -37.46 -12.06
N GLU B 53 6.64 -38.17 -11.98
CA GLU B 53 7.83 -37.73 -12.70
C GLU B 53 7.68 -37.93 -14.20
N VAL B 54 7.00 -39.01 -14.62
CA VAL B 54 6.80 -39.23 -16.05
C VAL B 54 5.85 -38.19 -16.62
N LEU B 55 4.81 -37.82 -15.86
CA LEU B 55 3.92 -36.75 -16.29
C LEU B 55 4.65 -35.43 -16.43
N ILE B 56 5.66 -35.19 -15.59
CA ILE B 56 6.43 -33.96 -15.66
C ILE B 56 7.34 -33.97 -16.88
N GLU B 57 8.07 -35.07 -17.08
CA GLU B 57 9.00 -35.15 -18.21
C GLU B 57 8.26 -35.17 -19.53
N ALA B 58 7.10 -35.83 -19.59
CA ALA B 58 6.30 -35.81 -20.81
C ALA B 58 5.74 -34.44 -21.09
N ALA B 59 5.42 -33.67 -20.04
CA ALA B 59 4.93 -32.31 -20.25
C ALA B 59 6.04 -31.41 -20.76
N ARG B 60 7.25 -31.53 -20.18
CA ARG B 60 8.37 -30.73 -20.65
C ARG B 60 8.75 -31.10 -22.09
N LEU B 61 8.54 -32.35 -22.49
CA LEU B 61 8.78 -32.73 -23.88
C LEU B 61 7.73 -32.11 -24.79
N ALA B 62 6.45 -32.25 -24.42
CA ALA B 62 5.37 -31.71 -25.25
C ALA B 62 5.49 -30.19 -25.41
N ILE B 63 6.03 -29.50 -24.40
CA ILE B 63 6.25 -28.07 -24.52
C ILE B 63 7.31 -27.77 -25.57
N GLU B 64 8.43 -28.50 -25.52
CA GLU B 64 9.48 -28.30 -26.51
C GLU B 64 9.10 -28.87 -27.88
N VAL B 65 8.15 -29.82 -27.93
CA VAL B 65 7.59 -30.22 -29.21
C VAL B 65 6.87 -29.04 -29.86
N ALA B 66 6.11 -28.28 -29.07
CA ALA B 66 5.43 -27.10 -29.60
C ALA B 66 6.42 -26.02 -30.01
N ARG B 67 7.49 -25.84 -29.23
CA ARG B 67 8.50 -24.86 -29.58
C ARG B 67 9.17 -25.19 -30.91
N VAL B 68 9.45 -26.48 -31.14
CA VAL B 68 10.04 -26.90 -32.41
C VAL B 68 9.01 -26.83 -33.53
N ALA B 69 7.77 -27.26 -33.24
CA ALA B 69 6.71 -27.23 -34.25
C ALA B 69 6.46 -25.84 -34.79
N LEU B 70 6.83 -24.80 -34.05
CA LEU B 70 6.70 -23.44 -34.56
C LEU B 70 7.85 -23.09 -35.50
N LYS B 71 9.06 -23.51 -35.17
CA LYS B 71 10.20 -23.28 -36.05
C LYS B 71 10.03 -24.02 -37.37
N VAL B 72 9.52 -25.25 -37.31
CA VAL B 72 9.31 -26.03 -38.54
C VAL B 72 8.26 -25.36 -39.41
N GLY B 73 7.18 -24.87 -38.82
CA GLY B 73 6.18 -24.14 -39.56
C GLY B 73 4.81 -24.80 -39.58
N SER B 74 4.47 -25.53 -38.51
CA SER B 74 3.19 -26.22 -38.39
C SER B 74 2.50 -25.74 -37.12
N PRO B 75 1.78 -24.62 -37.17
CA PRO B 75 1.07 -24.13 -35.97
C PRO B 75 -0.07 -25.03 -35.52
N GLU B 76 -0.42 -26.06 -36.28
CA GLU B 76 -1.44 -27.00 -35.87
C GLU B 76 -0.88 -28.13 -35.01
N MET B 77 0.34 -28.58 -35.32
CA MET B 77 1.04 -29.50 -34.44
C MET B 77 1.35 -28.86 -33.09
N ALA B 78 1.56 -27.54 -33.09
CA ALA B 78 1.85 -26.84 -31.84
C ALA B 78 0.58 -26.61 -31.01
N GLN B 79 -0.55 -26.37 -31.67
CA GLN B 79 -1.80 -26.24 -30.92
C GLN B 79 -2.14 -27.53 -30.19
N LEU B 80 -1.93 -28.69 -30.85
CA LEU B 80 -2.16 -29.97 -30.18
C LEU B 80 -1.15 -30.18 -29.05
N ALA B 81 0.13 -29.89 -29.32
CA ALA B 81 1.16 -30.10 -28.30
C ALA B 81 0.91 -29.26 -27.05
N VAL B 82 0.34 -28.07 -27.21
CA VAL B 82 0.03 -27.24 -26.05
C VAL B 82 -1.20 -27.77 -25.32
N GLU B 83 -2.23 -28.15 -26.07
CA GLU B 83 -3.41 -28.75 -25.44
C GLU B 83 -3.04 -30.04 -24.71
N LEU B 84 -2.15 -30.84 -25.29
CA LEU B 84 -1.70 -32.06 -24.63
C LEU B 84 -0.89 -31.75 -23.38
N ALA B 85 -0.20 -30.59 -23.35
CA ALA B 85 0.49 -30.17 -22.13
C ALA B 85 -0.51 -29.82 -21.04
N LEU B 86 -1.62 -29.19 -21.41
CA LEU B 86 -2.66 -28.88 -20.43
C LEU B 86 -3.27 -30.15 -19.87
N ARG B 87 -3.47 -31.16 -20.71
CA ARG B 87 -4.00 -32.43 -20.23
C ARG B 87 -3.06 -33.08 -19.23
N LEU B 88 -1.75 -32.87 -19.39
CA LEU B 88 -0.78 -33.46 -18.47
C LEU B 88 -0.69 -32.69 -17.17
N VAL B 89 -0.68 -31.36 -17.24
CA VAL B 89 -0.57 -30.55 -16.04
C VAL B 89 -1.80 -30.73 -15.16
N GLN B 90 -2.98 -30.68 -15.77
CA GLN B 90 -4.22 -30.85 -15.00
C GLN B 90 -4.33 -32.24 -14.39
N GLU B 91 -3.67 -33.24 -14.97
CA GLU B 91 -3.61 -34.55 -14.33
C GLU B 91 -2.62 -34.56 -13.17
N LEU B 92 -1.55 -33.76 -13.25
CA LEU B 92 -0.70 -33.57 -12.09
C LEU B 92 -1.41 -32.78 -11.00
N GLU B 93 -2.34 -31.90 -11.38
CA GLU B 93 -3.14 -31.20 -10.39
C GLU B 93 -4.05 -32.16 -9.63
N ARG B 94 -4.56 -33.18 -10.31
CA ARG B 94 -5.39 -34.16 -9.63
C ARG B 94 -4.55 -35.08 -8.75
N GLN B 95 -3.38 -35.50 -9.23
CA GLN B 95 -2.53 -36.38 -8.43
C GLN B 95 -1.89 -35.65 -7.26
N ALA B 96 -1.67 -34.33 -7.38
CA ALA B 96 -1.08 -33.57 -6.29
C ALA B 96 -2.08 -33.24 -5.20
N ARG B 97 -3.37 -33.20 -5.52
CA ARG B 97 -4.39 -33.07 -4.48
C ARG B 97 -4.64 -34.40 -3.78
N LYS B 98 -4.52 -35.51 -4.51
CA LYS B 98 -4.77 -36.82 -3.93
C LYS B 98 -3.56 -37.37 -3.18
N THR B 99 -2.36 -36.89 -3.50
CA THR B 99 -1.16 -37.25 -2.75
C THR B 99 -0.71 -36.14 -1.80
N GLY B 100 -1.26 -34.93 -1.94
CA GLY B 100 -0.95 -33.84 -1.03
C GLY B 100 0.46 -33.30 -1.12
N SER B 101 1.27 -33.77 -2.07
CA SER B 101 2.65 -33.31 -2.17
C SER B 101 2.70 -31.87 -2.66
N THR B 102 3.43 -31.02 -1.93
CA THR B 102 3.62 -29.64 -2.33
C THR B 102 4.73 -29.48 -3.36
N GLU B 103 5.68 -30.41 -3.42
CA GLU B 103 6.74 -30.33 -4.41
C GLU B 103 6.18 -30.46 -5.82
N VAL B 104 5.18 -31.33 -6.00
CA VAL B 104 4.57 -31.51 -7.31
C VAL B 104 3.74 -30.28 -7.67
N LEU B 105 3.02 -29.71 -6.69
CA LEU B 105 2.22 -28.52 -6.94
C LEU B 105 3.08 -27.37 -7.46
N ILE B 106 4.29 -27.23 -6.92
CA ILE B 106 5.14 -26.10 -7.31
C ILE B 106 5.64 -26.27 -8.74
N GLU B 107 6.18 -27.45 -9.07
CA GLU B 107 6.69 -27.67 -10.41
C GLU B 107 5.56 -27.73 -11.44
N ALA B 108 4.37 -28.20 -11.03
CA ALA B 108 3.24 -28.19 -11.95
C ALA B 108 2.75 -26.76 -12.21
N ALA B 109 2.89 -25.87 -11.22
CA ALA B 109 2.56 -24.47 -11.45
C ALA B 109 3.55 -23.82 -12.41
N ARG B 110 4.83 -24.22 -12.33
CA ARG B 110 5.82 -23.72 -13.27
C ARG B 110 5.55 -24.25 -14.68
N LEU B 111 5.14 -25.51 -14.79
CA LEU B 111 4.77 -26.08 -16.09
C LEU B 111 3.62 -25.30 -16.72
N ALA B 112 2.56 -25.05 -15.94
CA ALA B 112 1.42 -24.31 -16.45
C ALA B 112 1.82 -22.91 -16.89
N ILE B 113 2.80 -22.30 -16.21
CA ILE B 113 3.27 -20.98 -16.61
C ILE B 113 3.95 -21.05 -17.97
N GLU B 114 4.78 -22.07 -18.19
CA GLU B 114 5.44 -22.23 -19.48
C GLU B 114 4.42 -22.55 -20.57
N VAL B 115 3.39 -23.33 -20.24
CA VAL B 115 2.36 -23.67 -21.22
C VAL B 115 1.64 -22.40 -21.70
N ALA B 116 1.46 -21.44 -20.80
CA ALA B 116 0.80 -20.19 -21.18
C ALA B 116 1.71 -19.34 -22.06
N ARG B 117 2.98 -19.18 -21.66
CA ARG B 117 3.90 -18.37 -22.45
C ARG B 117 4.14 -18.97 -23.83
N VAL B 118 4.07 -20.30 -23.95
CA VAL B 118 4.31 -20.94 -25.24
C VAL B 118 3.11 -20.77 -26.17
N ALA B 119 1.89 -20.90 -25.63
CA ALA B 119 0.71 -20.97 -26.47
C ALA B 119 0.44 -19.69 -27.24
N PHE B 120 1.00 -18.55 -26.83
CA PHE B 120 0.82 -17.34 -27.62
C PHE B 120 1.75 -17.31 -28.82
N LYS B 121 3.00 -17.74 -28.64
CA LYS B 121 3.84 -17.98 -29.80
C LYS B 121 3.23 -19.03 -30.71
N VAL B 122 2.49 -19.98 -30.13
CA VAL B 122 1.79 -21.01 -30.89
C VAL B 122 0.60 -20.39 -31.62
N GLY B 123 -0.37 -19.91 -30.87
CA GLY B 123 -1.52 -19.25 -31.47
C GLY B 123 -2.86 -19.70 -30.94
N SER B 124 -2.88 -20.29 -29.74
CA SER B 124 -4.12 -20.73 -29.09
C SER B 124 -4.25 -19.99 -27.77
N PRO B 125 -4.69 -18.73 -27.80
CA PRO B 125 -4.83 -17.98 -26.54
C PRO B 125 -5.87 -18.56 -25.59
N GLU B 126 -6.83 -19.32 -26.12
CA GLU B 126 -7.84 -19.96 -25.26
C GLU B 126 -7.20 -20.95 -24.31
N THR B 127 -6.33 -21.82 -24.83
CA THR B 127 -5.64 -22.78 -23.98
C THR B 127 -4.64 -22.11 -23.05
N ALA B 128 -4.02 -21.01 -23.51
CA ALA B 128 -3.07 -20.30 -22.66
C ALA B 128 -3.76 -19.67 -21.47
N ARG B 129 -4.91 -19.05 -21.67
CA ARG B 129 -5.65 -18.47 -20.56
C ARG B 129 -6.10 -19.55 -19.58
N GLU B 130 -6.43 -20.74 -20.08
CA GLU B 130 -6.70 -21.85 -19.18
C GLU B 130 -5.43 -22.35 -18.50
N ALA B 131 -4.27 -22.16 -19.13
CA ALA B 131 -3.02 -22.52 -18.49
C ALA B 131 -2.71 -21.58 -17.32
N ALA B 132 -3.13 -20.32 -17.42
CA ALA B 132 -2.93 -19.39 -16.31
C ALA B 132 -4.00 -19.56 -15.23
N ARG B 133 -5.24 -19.86 -15.64
CA ARG B 133 -6.28 -20.18 -14.66
C ARG B 133 -5.87 -21.36 -13.80
N THR B 134 -5.40 -22.44 -14.45
CA THR B 134 -4.93 -23.60 -13.71
C THR B 134 -3.68 -23.28 -12.88
N ALA B 135 -2.91 -22.27 -13.30
CA ALA B 135 -1.75 -21.85 -12.52
C ALA B 135 -2.19 -21.18 -11.22
N LEU B 136 -3.16 -20.27 -11.29
CA LEU B 136 -3.67 -19.64 -10.08
C LEU B 136 -4.36 -20.66 -9.17
N GLU B 137 -5.04 -21.64 -9.77
CA GLU B 137 -5.64 -22.72 -8.97
C GLU B 137 -4.56 -23.47 -8.20
N LEU B 138 -3.42 -23.75 -8.83
CA LEU B 138 -2.32 -24.40 -8.14
C LEU B 138 -1.72 -23.48 -7.09
N VAL B 139 -1.59 -22.19 -7.39
CA VAL B 139 -1.05 -21.24 -6.43
C VAL B 139 -2.00 -21.09 -5.25
N GLU B 140 -3.31 -21.04 -5.52
CA GLU B 140 -4.28 -20.93 -4.43
C GLU B 140 -4.40 -22.22 -3.64
N GLU B 141 -4.04 -23.36 -4.23
CA GLU B 141 -3.93 -24.59 -3.44
C GLU B 141 -2.63 -24.63 -2.64
N LEU B 142 -1.61 -23.89 -3.07
CA LEU B 142 -0.45 -23.67 -2.21
C LEU B 142 -0.77 -22.69 -1.08
N GLU B 143 -1.80 -21.86 -1.25
CA GLU B 143 -2.29 -21.07 -0.13
C GLU B 143 -2.88 -21.97 0.95
N ARG B 144 -3.74 -22.92 0.54
CA ARG B 144 -4.43 -23.76 1.50
C ARG B 144 -3.46 -24.63 2.30
N GLN B 145 -2.44 -25.17 1.62
CA GLN B 145 -1.50 -26.05 2.31
C GLN B 145 -0.48 -25.27 3.12
N ALA B 146 -0.15 -24.05 2.72
CA ALA B 146 0.81 -23.26 3.48
C ALA B 146 0.18 -22.69 4.75
N ARG B 147 -1.11 -22.33 4.70
CA ARG B 147 -1.82 -21.87 5.88
C ARG B 147 -2.21 -22.99 6.83
N LYS B 148 -1.94 -24.24 6.46
CA LYS B 148 -2.11 -25.38 7.37
C LYS B 148 -0.80 -25.79 8.02
N THR B 149 0.28 -25.87 7.25
CA THR B 149 1.59 -26.22 7.80
C THR B 149 2.33 -25.00 8.35
N GLY B 150 1.93 -23.79 7.96
CA GLY B 150 2.54 -22.59 8.48
C GLY B 150 3.96 -22.33 8.05
N SER B 151 4.44 -23.03 7.02
CA SER B 151 5.82 -22.85 6.58
C SER B 151 5.98 -21.49 5.91
N GLU B 152 6.89 -20.67 6.44
CA GLU B 152 7.17 -19.35 5.90
C GLU B 152 7.95 -19.39 4.60
N GLU B 153 8.12 -20.56 3.99
CA GLU B 153 8.87 -20.69 2.75
C GLU B 153 8.02 -21.16 1.57
N VAL B 154 7.02 -22.01 1.81
CA VAL B 154 6.04 -22.29 0.76
C VAL B 154 5.21 -21.04 0.50
N LEU B 155 5.04 -20.18 1.50
CA LEU B 155 4.44 -18.87 1.28
C LEU B 155 5.33 -18.01 0.38
N GLU B 156 6.65 -18.14 0.52
CA GLU B 156 7.56 -17.36 -0.32
C GLU B 156 7.55 -17.88 -1.76
N ARG B 157 7.60 -19.20 -1.94
CA ARG B 157 7.60 -19.76 -3.29
C ARG B 157 6.27 -19.48 -4.00
N ALA B 158 5.15 -19.65 -3.29
CA ALA B 158 3.85 -19.38 -3.90
C ALA B 158 3.68 -17.91 -4.23
N ALA B 159 4.27 -17.02 -3.43
CA ALA B 159 4.20 -15.60 -3.74
C ALA B 159 4.96 -15.28 -5.03
N ARG B 160 6.13 -15.90 -5.21
CA ARG B 160 6.89 -15.70 -6.44
C ARG B 160 6.18 -16.31 -7.64
N LEU B 161 5.49 -17.43 -7.45
CA LEU B 161 4.73 -18.01 -8.55
C LEU B 161 3.54 -17.13 -8.93
N ALA B 162 2.82 -16.61 -7.94
CA ALA B 162 1.68 -15.74 -8.23
C ALA B 162 2.12 -14.46 -8.94
N GLU B 163 3.32 -13.96 -8.63
CA GLU B 163 3.82 -12.78 -9.33
C GLU B 163 4.21 -13.13 -10.76
N GLU B 164 4.77 -14.32 -10.98
CA GLU B 164 5.09 -14.75 -12.34
C GLU B 164 3.82 -15.01 -13.13
N VAL B 165 2.77 -15.54 -12.49
CA VAL B 165 1.49 -15.74 -13.15
C VAL B 165 0.91 -14.40 -13.58
N ALA B 166 1.06 -13.38 -12.74
CA ALA B 166 0.59 -12.04 -13.11
C ALA B 166 1.42 -11.47 -14.25
N ARG B 167 2.74 -11.70 -14.24
CA ARG B 167 3.56 -11.29 -15.38
C ARG B 167 3.13 -12.00 -16.66
N VAL B 168 2.83 -13.29 -16.56
CA VAL B 168 2.34 -14.03 -17.73
C VAL B 168 1.00 -13.46 -18.17
N ALA B 169 0.07 -13.28 -17.21
CA ALA B 169 -1.25 -12.77 -17.54
C ALA B 169 -1.19 -11.40 -18.21
N GLU B 170 -0.17 -10.60 -17.88
CA GLU B 170 0.02 -9.34 -18.59
C GLU B 170 0.54 -9.56 -19.99
N GLU B 171 1.47 -10.51 -20.16
CA GLU B 171 1.85 -10.95 -21.50
C GLU B 171 0.68 -11.64 -22.19
N ILE B 172 -0.22 -12.26 -21.42
CA ILE B 172 -1.40 -12.89 -21.99
C ILE B 172 -2.31 -11.85 -22.61
N GLY B 173 -2.56 -10.76 -21.88
CA GLY B 173 -3.65 -9.86 -22.18
C GLY B 173 -4.82 -9.99 -21.24
N ASP B 174 -4.65 -10.64 -20.10
CA ASP B 174 -5.69 -10.83 -19.10
C ASP B 174 -5.36 -10.05 -17.82
N PRO B 175 -5.59 -8.73 -17.79
CA PRO B 175 -5.46 -8.01 -16.52
C PRO B 175 -6.45 -8.48 -15.48
N GLU B 176 -7.53 -9.16 -15.88
CA GLU B 176 -8.37 -9.87 -14.92
C GLU B 176 -7.56 -10.89 -14.14
N LEU B 177 -6.87 -11.80 -14.85
CA LEU B 177 -5.99 -12.74 -14.19
C LEU B 177 -4.83 -12.05 -13.50
N ALA B 178 -4.24 -11.04 -14.16
CA ALA B 178 -3.10 -10.34 -13.58
C ALA B 178 -3.47 -9.69 -12.26
N ARG B 179 -4.69 -9.16 -12.14
CA ARG B 179 -5.14 -8.60 -10.87
C ARG B 179 -5.54 -9.69 -9.89
N LYS B 180 -6.09 -10.80 -10.38
CA LYS B 180 -6.34 -11.94 -9.50
C LYS B 180 -5.04 -12.48 -8.93
N ALA B 181 -4.01 -12.62 -9.78
CA ALA B 181 -2.74 -13.17 -9.32
C ALA B 181 -2.01 -12.20 -8.40
N MET B 182 -2.13 -10.89 -8.64
CA MET B 182 -1.48 -9.93 -7.76
C MET B 182 -2.17 -9.85 -6.41
N LYS B 183 -3.49 -9.97 -6.37
CA LYS B 183 -4.18 -10.04 -5.09
C LYS B 183 -3.86 -11.33 -4.35
N VAL B 184 -3.56 -12.41 -5.08
CA VAL B 184 -3.13 -13.65 -4.44
C VAL B 184 -1.74 -13.47 -3.83
N ALA B 185 -0.87 -12.71 -4.50
CA ALA B 185 0.46 -12.45 -3.97
C ALA B 185 0.40 -11.63 -2.69
N ILE B 186 -0.47 -10.61 -2.65
CA ILE B 186 -0.56 -9.75 -1.48
C ILE B 186 -1.12 -10.53 -0.29
N ARG B 187 -2.03 -11.48 -0.54
CA ARG B 187 -2.52 -12.34 0.53
C ARG B 187 -1.37 -13.10 1.19
N LEU B 188 -0.40 -13.53 0.40
CA LEU B 188 0.69 -14.36 0.92
C LEU B 188 1.72 -13.52 1.64
N THR B 189 2.19 -12.44 1.01
CA THR B 189 3.20 -11.59 1.62
C THR B 189 2.70 -10.85 2.86
N GLU B 190 1.38 -10.80 3.07
CA GLU B 190 0.86 -10.24 4.32
C GLU B 190 0.96 -11.26 5.46
N GLU B 191 0.65 -12.52 5.18
CA GLU B 191 0.79 -13.56 6.19
C GLU B 191 2.27 -13.89 6.45
N LEU B 192 3.15 -13.57 5.51
CA LEU B 192 4.58 -13.59 5.80
C LEU B 192 4.95 -12.49 6.78
N LEU B 193 4.26 -11.34 6.71
CA LEU B 193 4.49 -10.28 7.68
C LEU B 193 3.93 -10.65 9.05
N LYS B 194 2.78 -11.33 9.07
CA LYS B 194 2.21 -11.79 10.33
C LYS B 194 3.20 -12.68 11.09
N LYS B 195 3.63 -13.77 10.45
CA LYS B 195 4.52 -14.73 11.09
C LYS B 195 5.94 -14.20 11.24
N SER B 196 6.26 -13.06 10.63
CA SER B 196 7.56 -12.43 10.87
C SER B 196 7.51 -11.40 11.99
N LEU B 197 6.38 -10.71 12.15
CA LEU B 197 6.20 -9.85 13.32
C LEU B 197 5.97 -10.67 14.59
N ARG B 198 5.38 -11.86 14.45
CA ARG B 198 5.23 -12.74 15.61
C ARG B 198 6.59 -13.24 16.09
N GLU B 199 7.49 -13.59 15.16
CA GLU B 199 8.86 -13.91 15.53
C GLU B 199 9.57 -12.71 16.13
N LEU B 200 9.13 -11.50 15.81
CA LEU B 200 9.66 -10.30 16.42
C LEU B 200 9.05 -10.02 17.79
N ARG B 201 7.84 -10.53 18.05
CA ARG B 201 7.29 -10.46 19.41
C ARG B 201 7.96 -11.48 20.32
N ARG B 202 8.42 -12.60 19.77
CA ARG B 202 9.21 -13.55 20.55
C ARG B 202 10.48 -12.89 21.06
N ILE B 203 11.29 -12.35 20.15
CA ILE B 203 12.61 -11.85 20.50
C ILE B 203 12.54 -10.55 21.28
N LEU B 204 11.43 -9.81 21.17
CA LEU B 204 11.21 -8.67 22.05
C LEU B 204 11.20 -9.09 23.51
N GLU B 205 10.29 -10.01 23.85
CA GLU B 205 10.19 -10.50 25.22
C GLU B 205 11.42 -11.30 25.64
N GLU B 206 12.21 -11.78 24.68
CA GLU B 206 13.53 -12.33 25.03
C GLU B 206 14.48 -11.21 25.42
N LEU B 207 14.50 -10.12 24.66
CA LEU B 207 15.30 -8.94 25.03
C LEU B 207 14.69 -8.15 26.17
N LYS B 208 13.66 -8.68 26.83
CA LYS B 208 13.12 -8.12 28.05
C LYS B 208 13.41 -8.98 29.27
N GLU B 209 13.40 -10.31 29.10
CA GLU B 209 13.72 -11.22 30.20
C GLU B 209 15.20 -11.57 30.27
N MET B 210 15.93 -11.43 29.17
CA MET B 210 17.39 -11.50 29.19
C MET B 210 18.01 -10.18 29.64
N LEU B 211 17.20 -9.22 30.09
CA LEU B 211 17.70 -7.94 30.55
C LEU B 211 17.20 -7.63 31.96
N GLU B 212 15.88 -7.46 32.11
CA GLU B 212 15.29 -6.98 33.36
C GLU B 212 15.59 -7.88 34.55
N ARG B 213 16.16 -9.07 34.32
CA ARG B 213 16.78 -9.84 35.38
C ARG B 213 18.29 -9.73 35.38
N LEU B 214 18.90 -9.53 34.21
CA LEU B 214 20.34 -9.41 34.07
C LEU B 214 20.79 -7.95 33.97
N GLU B 215 19.90 -6.99 34.21
CA GLU B 215 20.31 -5.61 34.34
C GLU B 215 21.08 -5.38 35.63
N LYS B 216 20.81 -6.17 36.67
CA LYS B 216 21.48 -6.05 37.94
C LYS B 216 22.80 -6.81 37.98
N ASN B 217 22.99 -7.78 37.09
CA ASN B 217 24.16 -8.64 37.08
C ASN B 217 25.01 -8.33 35.85
N PRO B 218 26.06 -7.50 35.99
CA PRO B 218 26.86 -7.09 34.82
C PRO B 218 28.07 -8.00 34.57
N ASP B 219 27.79 -9.29 34.38
CA ASP B 219 28.86 -10.26 34.16
C ASP B 219 29.40 -10.17 32.74
N LYS B 220 30.59 -10.72 32.55
CA LYS B 220 31.17 -10.79 31.21
C LYS B 220 30.42 -11.77 30.32
N ASP B 221 29.86 -12.83 30.90
CA ASP B 221 29.05 -13.77 30.14
C ASP B 221 27.61 -13.28 29.98
N VAL B 222 27.12 -12.50 30.94
CA VAL B 222 25.75 -11.97 30.84
C VAL B 222 25.65 -10.94 29.73
N ILE B 223 26.58 -9.98 29.71
CA ILE B 223 26.50 -8.89 28.73
C ILE B 223 26.76 -9.41 27.32
N VAL B 224 27.59 -10.45 27.17
CA VAL B 224 27.79 -11.04 25.86
C VAL B 224 26.55 -11.78 25.40
N LYS B 225 25.86 -12.47 26.33
CA LYS B 225 24.57 -13.07 25.99
C LYS B 225 23.54 -11.99 25.67
N VAL B 226 23.67 -10.81 26.27
CA VAL B 226 22.79 -9.69 25.92
C VAL B 226 23.07 -9.24 24.49
N LEU B 227 24.34 -9.14 24.11
CA LEU B 227 24.68 -8.72 22.75
C LEU B 227 24.25 -9.75 21.72
N LYS B 228 24.23 -11.03 22.08
CA LYS B 228 23.82 -12.06 21.14
C LYS B 228 22.35 -11.94 20.79
N VAL B 229 21.51 -11.66 21.79
CA VAL B 229 20.07 -11.54 21.53
C VAL B 229 19.74 -10.20 20.87
N ILE B 230 20.53 -9.16 21.13
CA ILE B 230 20.29 -7.87 20.49
C ILE B 230 20.44 -7.97 18.98
N VAL B 231 21.49 -8.64 18.53
CA VAL B 231 21.72 -8.79 17.09
C VAL B 231 20.76 -9.82 16.50
N LYS B 232 20.46 -10.89 17.24
CA LYS B 232 19.47 -11.84 16.76
C LYS B 232 18.09 -11.22 16.64
N ALA B 233 17.85 -10.08 17.29
CA ALA B 233 16.64 -9.31 17.03
C ALA B 233 16.80 -8.46 15.78
N ILE B 234 17.96 -7.84 15.60
CA ILE B 234 18.23 -7.05 14.39
C ILE B 234 18.28 -7.96 13.18
N GLU B 235 18.69 -9.21 13.35
CA GLU B 235 18.62 -10.18 12.26
C GLU B 235 17.20 -10.35 11.77
N ALA B 236 16.23 -10.34 12.68
CA ALA B 236 14.83 -10.60 12.33
C ALA B 236 14.10 -9.34 11.89
N SER B 237 14.39 -8.19 12.51
CA SER B 237 13.73 -6.95 12.11
C SER B 237 14.15 -6.50 10.71
N VAL B 238 15.30 -6.98 10.23
CA VAL B 238 15.68 -6.72 8.84
C VAL B 238 14.82 -7.55 7.89
N GLU B 239 14.51 -8.78 8.28
CA GLU B 239 13.68 -9.64 7.45
C GLU B 239 12.26 -9.11 7.32
N ASN B 240 11.75 -8.41 8.34
CA ASN B 240 10.44 -7.80 8.23
C ASN B 240 10.46 -6.62 7.27
N GLN B 241 11.48 -5.76 7.38
CA GLN B 241 11.61 -4.66 6.44
C GLN B 241 11.84 -5.16 5.02
N ARG B 242 12.44 -6.34 4.87
CA ARG B 242 12.49 -6.99 3.56
C ARG B 242 11.10 -7.40 3.12
N ILE B 243 10.38 -8.14 3.97
CA ILE B 243 9.06 -8.64 3.60
C ILE B 243 8.07 -7.50 3.42
N SER B 244 8.12 -6.50 4.30
CA SER B 244 7.22 -5.36 4.17
C SER B 244 7.53 -4.55 2.91
N ALA B 245 8.77 -4.61 2.41
CA ALA B 245 9.09 -3.99 1.13
C ALA B 245 8.49 -4.77 -0.02
N ASP B 246 8.38 -6.10 0.13
CA ASP B 246 7.72 -6.91 -0.90
C ASP B 246 6.23 -6.64 -0.95
N ASN B 247 5.62 -6.34 0.21
CA ASN B 247 4.22 -5.95 0.22
C ASN B 247 4.00 -4.64 -0.50
N GLN B 248 4.95 -3.71 -0.37
CA GLN B 248 4.82 -2.43 -1.05
C GLN B 248 5.06 -2.54 -2.55
N ARG B 249 5.90 -3.48 -2.97
CA ARG B 249 6.03 -3.77 -4.40
C ARG B 249 4.84 -4.56 -4.92
N ALA B 250 4.27 -5.45 -4.09
CA ALA B 250 3.09 -6.18 -4.51
C ALA B 250 1.88 -5.28 -4.61
N LEU B 251 1.77 -4.28 -3.73
CA LEU B 251 0.66 -3.34 -3.81
C LEU B 251 0.85 -2.32 -4.91
N ALA B 252 2.10 -1.99 -5.25
CA ALA B 252 2.35 -1.02 -6.31
C ALA B 252 2.01 -1.58 -7.68
N ARG B 253 2.06 -2.92 -7.84
CA ARG B 253 1.67 -3.52 -9.11
C ARG B 253 0.18 -3.40 -9.39
N LEU B 254 -0.61 -2.96 -8.41
CA LEU B 254 -2.01 -2.59 -8.64
C LEU B 254 -2.12 -1.13 -9.06
N ALA B 255 -1.35 -0.76 -10.08
CA ALA B 255 -1.32 0.61 -10.57
C ALA B 255 -0.78 0.66 -12.00
N THR C 2 20.02 45.50 -17.29
CA THR C 2 20.97 44.46 -16.92
C THR C 2 20.64 43.92 -15.53
N GLU C 3 21.17 44.58 -14.51
CA GLU C 3 20.72 44.36 -13.15
C GLU C 3 19.70 45.39 -12.70
N GLU C 4 19.66 46.55 -13.36
CA GLU C 4 18.73 47.62 -12.98
C GLU C 4 17.34 47.40 -13.57
N LYS C 5 17.25 46.82 -14.77
CA LYS C 5 15.95 46.50 -15.33
C LYS C 5 15.21 45.43 -14.53
N ILE C 6 15.89 44.75 -13.62
CA ILE C 6 15.22 43.87 -12.67
C ILE C 6 14.54 44.68 -11.58
N GLU C 7 15.30 45.58 -10.95
CA GLU C 7 14.74 46.45 -9.92
C GLU C 7 13.74 47.45 -10.49
N GLU C 8 13.86 47.78 -11.78
CA GLU C 8 12.81 48.56 -12.45
C GLU C 8 11.50 47.79 -12.46
N ALA C 9 11.56 46.49 -12.78
CA ALA C 9 10.35 45.67 -12.75
C ALA C 9 9.81 45.52 -11.34
N ARG C 10 10.70 45.47 -10.35
CA ARG C 10 10.26 45.36 -8.96
C ARG C 10 9.50 46.60 -8.52
N GLN C 11 9.94 47.78 -8.97
CA GLN C 11 9.26 49.01 -8.60
C GLN C 11 7.93 49.14 -9.30
N SER C 12 7.88 48.78 -10.59
CA SER C 12 6.63 48.91 -11.34
C SER C 12 5.56 47.94 -10.84
N ILE C 13 5.96 46.78 -10.33
CA ILE C 13 5.00 45.88 -9.72
C ILE C 13 4.44 46.49 -8.44
N LYS C 14 5.30 47.12 -7.65
CA LYS C 14 4.83 47.83 -6.46
C LYS C 14 3.85 48.93 -6.84
N GLU C 15 4.20 49.74 -7.83
CA GLU C 15 3.31 50.82 -8.27
C GLU C 15 1.98 50.28 -8.77
N ALA C 16 1.97 49.07 -9.36
CA ALA C 16 0.72 48.47 -9.80
C ALA C 16 -0.18 48.17 -8.60
N GLU C 17 0.40 47.68 -7.50
CA GLU C 17 -0.38 47.37 -6.31
C GLU C 17 -0.74 48.61 -5.52
N ARG C 18 0.11 49.64 -5.55
CA ARG C 18 -0.25 50.90 -4.90
C ARG C 18 -1.42 51.56 -5.61
N SER C 19 -1.39 51.61 -6.94
CA SER C 19 -2.44 52.25 -7.72
C SER C 19 -3.76 51.49 -7.70
N LEU C 20 -3.75 50.22 -7.28
CA LEU C 20 -5.02 49.52 -7.09
C LEU C 20 -5.71 49.95 -5.80
N ARG C 21 -4.95 50.14 -4.73
CA ARG C 21 -5.53 50.71 -3.51
C ARG C 21 -5.96 52.15 -3.72
N GLU C 22 -5.22 52.89 -4.56
CA GLU C 22 -5.66 54.24 -4.93
C GLU C 22 -6.95 54.18 -5.73
N GLY C 23 -6.98 53.37 -6.78
CA GLY C 23 -8.17 53.22 -7.59
C GLY C 23 -7.92 53.37 -9.07
N ASN C 24 -6.73 53.82 -9.44
CA ASN C 24 -6.39 54.06 -10.84
C ASN C 24 -6.32 52.76 -11.63
N PRO C 25 -7.24 52.49 -12.55
CA PRO C 25 -7.19 51.23 -13.30
C PRO C 25 -6.26 51.31 -14.50
N GLU C 26 -6.28 52.44 -15.21
CA GLU C 26 -5.42 52.60 -16.38
C GLU C 26 -3.96 52.78 -16.00
N LYS C 27 -3.68 53.27 -14.79
CA LYS C 27 -2.31 53.39 -14.32
C LYS C 27 -1.81 52.12 -13.64
N ALA C 28 -2.71 51.33 -13.07
CA ALA C 28 -2.33 50.00 -12.60
C ALA C 28 -2.05 49.08 -13.77
N LEU C 29 -2.85 49.17 -14.83
CA LEU C 29 -2.57 48.42 -16.06
C LEU C 29 -1.27 48.88 -16.70
N ASP C 30 -0.94 50.16 -16.60
CA ASP C 30 0.30 50.67 -17.16
C ASP C 30 1.51 50.10 -16.43
N ALA C 31 1.45 50.11 -15.09
CA ALA C 31 2.55 49.55 -14.30
C ALA C 31 2.71 48.06 -14.57
N VAL C 32 1.59 47.35 -14.78
CA VAL C 32 1.68 45.95 -15.17
C VAL C 32 2.24 45.82 -16.57
N ALA C 33 1.83 46.71 -17.48
CA ALA C 33 2.35 46.67 -18.84
C ALA C 33 3.85 46.91 -18.87
N ARG C 34 4.34 47.84 -18.04
CA ARG C 34 5.78 48.04 -17.93
C ARG C 34 6.47 46.76 -17.44
N ALA C 35 5.88 46.10 -16.45
CA ALA C 35 6.50 44.91 -15.88
C ALA C 35 6.65 43.80 -16.93
N LEU C 36 5.62 43.58 -17.74
CA LEU C 36 5.70 42.54 -18.77
C LEU C 36 6.76 42.88 -19.82
N SER C 37 6.81 44.15 -20.24
CA SER C 37 7.82 44.54 -21.22
C SER C 37 9.23 44.55 -20.63
N LEU C 38 9.36 44.87 -19.35
CA LEU C 38 10.67 44.80 -18.69
C LEU C 38 11.11 43.36 -18.53
N VAL C 39 10.22 42.50 -18.04
CA VAL C 39 10.56 41.09 -17.85
C VAL C 39 10.91 40.45 -19.19
N ASN C 40 10.22 40.85 -20.26
CA ASN C 40 10.56 40.37 -21.60
C ASN C 40 12.01 40.68 -21.94
N GLU C 41 12.44 41.92 -21.67
CA GLU C 41 13.82 42.30 -21.98
C GLU C 41 14.81 41.52 -21.12
N LEU C 42 14.44 41.24 -19.86
CA LEU C 42 15.30 40.41 -19.02
C LEU C 42 15.42 39.00 -19.57
N GLU C 43 14.38 38.50 -20.24
CA GLU C 43 14.50 37.23 -20.94
C GLU C 43 15.51 37.34 -22.08
N ARG C 44 15.40 38.40 -22.89
CA ARG C 44 16.32 38.58 -24.01
C ARG C 44 17.76 38.75 -23.54
N LEU C 45 17.96 39.53 -22.46
CA LEU C 45 19.32 39.76 -21.97
C LEU C 45 19.91 38.49 -21.38
N ALA C 46 19.10 37.72 -20.63
CA ALA C 46 19.60 36.48 -20.05
C ALA C 46 19.92 35.44 -21.11
N ARG C 47 19.17 35.43 -22.22
CA ARG C 47 19.47 34.50 -23.30
C ARG C 47 20.79 34.83 -24.00
N LYS C 48 21.33 36.03 -23.79
CA LYS C 48 22.61 36.41 -24.37
C LYS C 48 23.76 36.34 -23.37
N THR C 49 23.49 36.52 -22.08
CA THR C 49 24.50 36.31 -21.06
C THR C 49 24.57 34.87 -20.58
N GLY C 50 23.55 34.07 -20.86
CA GLY C 50 23.55 32.67 -20.47
C GLY C 50 23.58 32.42 -18.98
N SER C 51 23.12 33.38 -18.18
CA SER C 51 23.16 33.27 -16.73
C SER C 51 21.90 32.58 -16.21
N THR C 52 22.08 31.51 -15.44
CA THR C 52 20.94 30.84 -14.83
C THR C 52 20.29 31.70 -13.76
N GLU C 53 21.05 32.61 -13.15
CA GLU C 53 20.49 33.47 -12.11
C GLU C 53 19.42 34.41 -12.68
N VAL C 54 19.73 35.08 -13.80
CA VAL C 54 18.79 36.04 -14.35
C VAL C 54 17.54 35.32 -14.87
N LEU C 55 17.72 34.13 -15.45
CA LEU C 55 16.56 33.36 -15.90
C LEU C 55 15.65 33.00 -14.73
N ILE C 56 16.24 32.71 -13.57
CA ILE C 56 15.44 32.38 -12.40
C ILE C 56 14.76 33.63 -11.85
N GLU C 57 15.52 34.73 -11.70
CA GLU C 57 14.95 35.96 -11.20
C GLU C 57 13.96 36.59 -12.20
N ALA C 58 14.09 36.28 -13.48
CA ALA C 58 13.10 36.74 -14.45
C ALA C 58 11.83 35.89 -14.38
N ALA C 59 11.98 34.58 -14.16
CA ALA C 59 10.81 33.72 -14.03
C ALA C 59 10.01 34.06 -12.78
N ARG C 60 10.70 34.31 -11.66
CA ARG C 60 10.01 34.69 -10.44
C ARG C 60 9.36 36.05 -10.53
N LEU C 61 9.86 36.93 -11.40
CA LEU C 61 9.16 38.18 -11.67
C LEU C 61 7.94 37.94 -12.57
N ALA C 62 8.13 37.19 -13.66
CA ALA C 62 7.03 36.91 -14.56
C ALA C 62 5.89 36.19 -13.86
N ILE C 63 6.19 35.37 -12.86
CA ILE C 63 5.14 34.70 -12.10
C ILE C 63 4.36 35.70 -11.27
N GLU C 64 5.06 36.58 -10.55
CA GLU C 64 4.38 37.57 -9.74
C GLU C 64 3.75 38.68 -10.56
N VAL C 65 4.21 38.88 -11.81
CA VAL C 65 3.48 39.76 -12.72
C VAL C 65 2.13 39.15 -13.06
N ALA C 66 2.09 37.82 -13.24
CA ALA C 66 0.81 37.14 -13.47
C ALA C 66 -0.09 37.25 -12.26
N ARG C 67 0.48 37.18 -11.05
CA ARG C 67 -0.32 37.34 -9.84
C ARG C 67 -0.90 38.74 -9.74
N VAL C 68 -0.14 39.75 -10.14
CA VAL C 68 -0.62 41.12 -10.10
C VAL C 68 -1.61 41.38 -11.23
N ALA C 69 -1.30 40.89 -12.43
CA ALA C 69 -2.19 41.09 -13.58
C ALA C 69 -3.59 40.54 -13.34
N LEU C 70 -3.74 39.66 -12.35
CA LEU C 70 -5.08 39.18 -11.97
C LEU C 70 -5.83 40.25 -11.19
N LYS C 71 -5.27 40.68 -10.06
CA LYS C 71 -5.92 41.67 -9.22
C LYS C 71 -6.21 42.96 -9.98
N VAL C 72 -5.40 43.26 -10.99
CA VAL C 72 -5.67 44.43 -11.83
C VAL C 72 -6.87 44.16 -12.73
N GLY C 73 -7.14 42.90 -13.04
CA GLY C 73 -8.26 42.54 -13.89
C GLY C 73 -7.87 42.42 -15.34
N SER C 74 -6.70 41.86 -15.60
CA SER C 74 -6.17 41.72 -16.96
C SER C 74 -5.65 40.30 -17.16
N PRO C 75 -6.55 39.32 -17.31
CA PRO C 75 -6.10 37.93 -17.46
C PRO C 75 -5.34 37.68 -18.77
N GLU C 76 -5.46 38.56 -19.76
CA GLU C 76 -4.62 38.44 -20.94
C GLU C 76 -3.17 38.77 -20.62
N MET C 77 -2.95 39.86 -19.88
CA MET C 77 -1.60 40.17 -19.42
C MET C 77 -1.06 39.06 -18.52
N ALA C 78 -1.95 38.35 -17.83
CA ALA C 78 -1.54 37.23 -16.98
C ALA C 78 -1.34 35.94 -17.79
N GLN C 79 -2.10 35.75 -18.86
CA GLN C 79 -1.83 34.65 -19.77
C GLN C 79 -0.43 34.76 -20.36
N LEU C 80 -0.12 35.92 -20.94
CA LEU C 80 1.22 36.15 -21.48
C LEU C 80 2.28 35.99 -20.42
N ALA C 81 2.00 36.47 -19.19
CA ALA C 81 2.97 36.35 -18.12
C ALA C 81 3.26 34.90 -17.78
N VAL C 82 2.23 34.06 -17.76
CA VAL C 82 2.43 32.63 -17.50
C VAL C 82 3.17 31.97 -18.67
N GLU C 83 2.75 32.28 -19.90
CA GLU C 83 3.44 31.76 -21.08
C GLU C 83 4.93 32.08 -21.03
N LEU C 84 5.26 33.33 -20.68
CA LEU C 84 6.66 33.73 -20.60
C LEU C 84 7.40 33.05 -19.46
N ALA C 85 6.69 32.57 -18.45
CA ALA C 85 7.35 31.82 -17.38
C ALA C 85 7.78 30.44 -17.87
N LEU C 86 6.94 29.79 -18.68
CA LEU C 86 7.32 28.50 -19.26
C LEU C 86 8.49 28.66 -20.22
N ARG C 87 8.50 29.73 -21.01
CA ARG C 87 9.64 29.99 -21.89
C ARG C 87 10.93 30.10 -21.09
N LEU C 88 10.85 30.62 -19.86
CA LEU C 88 12.03 30.74 -19.03
C LEU C 88 12.37 29.43 -18.33
N VAL C 89 11.34 28.67 -17.91
CA VAL C 89 11.59 27.38 -17.27
C VAL C 89 12.21 26.40 -18.27
N GLN C 90 11.71 26.40 -19.50
CA GLN C 90 12.29 25.51 -20.52
C GLN C 90 13.71 25.94 -20.89
N GLU C 91 14.00 27.24 -20.83
CA GLU C 91 15.38 27.68 -21.06
C GLU C 91 16.28 27.32 -19.89
N LEU C 92 15.72 27.07 -18.71
CA LEU C 92 16.50 26.47 -17.63
C LEU C 92 16.68 24.97 -17.85
N GLU C 93 15.72 24.32 -18.49
CA GLU C 93 15.90 22.92 -18.85
C GLU C 93 17.07 22.75 -19.81
N ARG C 94 17.24 23.71 -20.73
CA ARG C 94 18.31 23.60 -21.73
C ARG C 94 19.67 23.88 -21.12
N GLN C 95 19.78 24.92 -20.29
CA GLN C 95 21.06 25.21 -19.64
C GLN C 95 21.39 24.22 -18.53
N ALA C 96 20.43 23.42 -18.08
CA ALA C 96 20.73 22.36 -17.11
C ALA C 96 21.29 21.12 -17.80
N ARG C 97 20.94 20.91 -19.08
CA ARG C 97 21.53 19.82 -19.84
C ARG C 97 22.87 20.21 -20.45
N LYS C 98 23.05 21.49 -20.77
CA LYS C 98 24.31 21.95 -21.34
C LYS C 98 25.37 22.23 -20.26
N THR C 99 24.96 22.46 -19.02
CA THR C 99 25.88 22.59 -17.91
C THR C 99 25.85 21.38 -16.97
N GLY C 100 25.01 20.39 -17.26
CA GLY C 100 24.99 19.13 -16.53
C GLY C 100 24.62 19.26 -15.06
N SER C 101 24.09 20.42 -14.67
CA SER C 101 23.82 20.71 -13.28
C SER C 101 22.42 20.22 -12.91
N THR C 102 22.34 19.32 -11.92
CA THR C 102 21.06 18.87 -11.42
C THR C 102 20.39 19.90 -10.53
N GLU C 103 21.16 20.84 -9.98
CA GLU C 103 20.59 21.87 -9.12
C GLU C 103 19.76 22.86 -9.92
N VAL C 104 20.15 23.13 -11.16
CA VAL C 104 19.30 23.95 -12.03
C VAL C 104 18.01 23.21 -12.36
N LEU C 105 18.11 21.90 -12.59
CA LEU C 105 16.91 21.08 -12.84
C LEU C 105 15.94 21.16 -11.67
N ILE C 106 16.45 21.00 -10.44
CA ILE C 106 15.60 21.01 -9.27
C ILE C 106 14.92 22.37 -9.12
N GLU C 107 15.69 23.45 -9.27
CA GLU C 107 15.11 24.78 -9.19
C GLU C 107 14.26 25.13 -10.40
N ALA C 108 14.45 24.44 -11.52
CA ALA C 108 13.56 24.62 -12.66
C ALA C 108 12.24 23.86 -12.48
N ALA C 109 12.29 22.68 -11.84
CA ALA C 109 11.06 21.96 -11.58
C ALA C 109 10.20 22.68 -10.55
N ARG C 110 10.83 23.27 -9.53
CA ARG C 110 10.10 24.07 -8.56
C ARG C 110 9.41 25.25 -9.23
N LEU C 111 10.04 25.83 -10.26
CA LEU C 111 9.40 26.91 -11.01
C LEU C 111 8.27 26.40 -11.87
N ALA C 112 8.48 25.27 -12.55
CA ALA C 112 7.43 24.71 -13.39
C ALA C 112 6.18 24.34 -12.59
N ILE C 113 6.36 24.02 -11.30
CA ILE C 113 5.22 23.75 -10.44
C ILE C 113 4.51 25.04 -10.08
N GLU C 114 5.27 26.09 -9.74
CA GLU C 114 4.66 27.37 -9.41
C GLU C 114 3.92 27.96 -10.61
N VAL C 115 4.41 27.70 -11.83
CA VAL C 115 3.72 28.20 -13.02
C VAL C 115 2.37 27.52 -13.17
N ALA C 116 2.28 26.24 -12.82
CA ALA C 116 1.03 25.51 -12.96
C ALA C 116 -0.01 26.01 -11.95
N ARG C 117 0.40 26.21 -10.69
CA ARG C 117 -0.53 26.71 -9.69
C ARG C 117 -0.99 28.13 -10.01
N VAL C 118 -0.13 28.94 -10.61
CA VAL C 118 -0.49 30.32 -10.89
C VAL C 118 -1.41 30.41 -12.10
N ALA C 119 -1.23 29.55 -13.10
CA ALA C 119 -1.97 29.67 -14.35
C ALA C 119 -3.45 29.31 -14.23
N PHE C 120 -3.86 28.66 -13.14
CA PHE C 120 -5.30 28.47 -12.92
C PHE C 120 -5.94 29.67 -12.25
N LYS C 121 -5.32 30.18 -11.18
CA LYS C 121 -5.78 31.44 -10.63
C LYS C 121 -5.78 32.52 -11.70
N VAL C 122 -4.83 32.45 -12.64
CA VAL C 122 -4.82 33.35 -13.79
C VAL C 122 -6.01 33.04 -14.70
N GLY C 123 -6.13 31.78 -15.14
CA GLY C 123 -7.22 31.41 -16.02
C GLY C 123 -6.78 30.94 -17.38
N SER C 124 -5.56 30.40 -17.49
CA SER C 124 -5.03 29.81 -18.71
C SER C 124 -4.62 28.38 -18.39
N PRO C 125 -5.58 27.46 -18.27
CA PRO C 125 -5.23 26.09 -17.87
C PRO C 125 -4.40 25.34 -18.89
N GLU C 126 -4.52 25.67 -20.18
CA GLU C 126 -3.74 24.96 -21.19
C GLU C 126 -2.25 25.17 -20.99
N THR C 127 -1.84 26.41 -20.66
CA THR C 127 -0.45 26.65 -20.28
C THR C 127 -0.12 26.06 -18.93
N ALA C 128 -1.14 25.88 -18.06
CA ALA C 128 -0.89 25.24 -16.77
C ALA C 128 -0.65 23.75 -16.92
N ARG C 129 -1.46 23.08 -17.74
CA ARG C 129 -1.24 21.66 -18.00
C ARG C 129 0.14 21.43 -18.60
N GLU C 130 0.55 22.31 -19.53
CA GLU C 130 1.89 22.20 -20.09
C GLU C 130 2.95 22.52 -19.06
N ALA C 131 2.63 23.35 -18.06
CA ALA C 131 3.56 23.61 -16.97
C ALA C 131 3.73 22.38 -16.09
N ALA C 132 2.64 21.62 -15.87
CA ALA C 132 2.75 20.36 -15.17
C ALA C 132 3.45 19.31 -16.01
N ARG C 133 3.21 19.32 -17.32
CA ARG C 133 3.87 18.37 -18.21
C ARG C 133 5.37 18.60 -18.25
N THR C 134 5.79 19.87 -18.33
CA THR C 134 7.22 20.18 -18.25
C THR C 134 7.77 19.95 -16.84
N ALA C 135 6.90 19.90 -15.84
CA ALA C 135 7.34 19.56 -14.49
C ALA C 135 7.63 18.07 -14.33
N LEU C 136 6.88 17.22 -15.04
CA LEU C 136 7.19 15.79 -15.04
C LEU C 136 8.35 15.46 -15.96
N GLU C 137 8.50 16.20 -17.06
CA GLU C 137 9.70 16.04 -17.89
C GLU C 137 10.96 16.29 -17.08
N LEU C 138 10.89 17.17 -16.08
CA LEU C 138 12.06 17.50 -15.27
C LEU C 138 12.28 16.48 -14.16
N VAL C 139 11.19 16.01 -13.53
CA VAL C 139 11.32 14.96 -12.53
C VAL C 139 11.90 13.70 -13.18
N GLU C 140 11.48 13.40 -14.41
CA GLU C 140 11.97 12.23 -15.10
C GLU C 140 13.39 12.41 -15.64
N GLU C 141 13.85 13.64 -15.80
CA GLU C 141 15.28 13.86 -16.01
C GLU C 141 16.06 13.70 -14.72
N LEU C 142 15.47 14.08 -13.59
CA LEU C 142 16.10 13.82 -12.30
C LEU C 142 16.16 12.32 -12.02
N GLU C 143 15.23 11.54 -12.58
CA GLU C 143 15.36 10.09 -12.54
C GLU C 143 16.64 9.63 -13.22
N ARG C 144 16.81 10.03 -14.49
CA ARG C 144 17.94 9.57 -15.28
C ARG C 144 19.26 9.89 -14.60
N GLN C 145 19.43 11.13 -14.15
CA GLN C 145 20.70 11.54 -13.57
C GLN C 145 20.90 11.02 -12.15
N ALA C 146 19.81 10.81 -11.40
CA ALA C 146 19.96 10.20 -10.09
C ALA C 146 20.31 8.72 -10.19
N ARG C 147 19.87 8.06 -11.27
CA ARG C 147 20.27 6.69 -11.53
C ARG C 147 21.62 6.59 -12.22
N LYS C 148 22.24 7.72 -12.53
CA LYS C 148 23.62 7.77 -13.03
C LYS C 148 24.61 8.12 -11.93
N THR C 149 24.39 9.24 -11.24
CA THR C 149 25.24 9.60 -10.11
C THR C 149 24.97 8.72 -8.88
N GLY C 150 23.79 8.12 -8.79
CA GLY C 150 23.49 7.21 -7.71
C GLY C 150 23.28 7.85 -6.35
N SER C 151 22.93 9.13 -6.32
CA SER C 151 22.76 9.84 -5.06
C SER C 151 21.39 9.55 -4.46
N GLU C 152 21.38 9.21 -3.17
CA GLU C 152 20.14 8.96 -2.44
C GLU C 152 19.45 10.25 -2.00
N GLU C 153 19.95 11.41 -2.41
CA GLU C 153 19.30 12.68 -2.11
C GLU C 153 18.55 13.25 -3.31
N VAL C 154 19.09 13.09 -4.51
CA VAL C 154 18.36 13.53 -5.70
C VAL C 154 17.12 12.66 -5.91
N LEU C 155 17.21 11.38 -5.58
CA LEU C 155 16.03 10.52 -5.62
C LEU C 155 14.95 11.03 -4.66
N GLU C 156 15.36 11.52 -3.50
CA GLU C 156 14.39 12.01 -2.52
C GLU C 156 13.75 13.31 -2.98
N ARG C 157 14.55 14.24 -3.51
CA ARG C 157 13.98 15.50 -4.00
C ARG C 157 13.11 15.25 -5.23
N ALA C 158 13.58 14.41 -6.15
CA ALA C 158 12.77 14.10 -7.33
C ALA C 158 11.47 13.41 -6.95
N ALA C 159 11.49 12.58 -5.91
CA ALA C 159 10.26 11.95 -5.44
C ALA C 159 9.34 12.97 -4.77
N ARG C 160 9.89 13.87 -3.96
CA ARG C 160 9.08 14.93 -3.38
C ARG C 160 8.53 15.85 -4.46
N LEU C 161 9.32 16.13 -5.49
CA LEU C 161 8.82 16.92 -6.61
C LEU C 161 7.73 16.17 -7.36
N ALA C 162 7.89 14.85 -7.53
CA ALA C 162 6.88 14.06 -8.22
C ALA C 162 5.55 14.10 -7.48
N GLU C 163 5.60 14.04 -6.14
CA GLU C 163 4.37 14.15 -5.36
C GLU C 163 3.76 15.55 -5.49
N GLU C 164 4.59 16.59 -5.44
CA GLU C 164 4.07 17.95 -5.59
C GLU C 164 3.55 18.20 -7.00
N VAL C 165 4.11 17.52 -8.00
CA VAL C 165 3.53 17.58 -9.33
C VAL C 165 2.16 16.92 -9.35
N ALA C 166 1.98 15.86 -8.55
CA ALA C 166 0.69 15.17 -8.52
C ALA C 166 -0.36 16.02 -7.82
N ARG C 167 -0.02 16.61 -6.67
CA ARG C 167 -0.98 17.45 -5.96
C ARG C 167 -1.38 18.66 -6.79
N VAL C 168 -0.47 19.19 -7.60
CA VAL C 168 -0.82 20.28 -8.50
C VAL C 168 -1.75 19.78 -9.60
N ALA C 169 -1.41 18.64 -10.20
CA ALA C 169 -2.24 18.08 -11.27
C ALA C 169 -3.64 17.74 -10.80
N GLU C 170 -3.85 17.55 -9.49
CA GLU C 170 -5.20 17.37 -8.97
C GLU C 170 -5.92 18.71 -8.86
N GLU C 171 -5.23 19.74 -8.35
CA GLU C 171 -5.76 21.09 -8.43
C GLU C 171 -5.98 21.50 -9.88
N ILE C 172 -5.13 20.99 -10.78
CA ILE C 172 -5.31 21.24 -12.21
C ILE C 172 -6.63 20.65 -12.68
N GLY C 173 -6.93 19.43 -12.24
CA GLY C 173 -7.97 18.63 -12.84
C GLY C 173 -7.36 17.33 -13.34
N ASP C 174 -6.42 17.46 -14.31
CA ASP C 174 -5.66 16.41 -14.97
C ASP C 174 -5.42 15.19 -14.08
N PRO C 175 -6.31 14.19 -14.10
CA PRO C 175 -6.04 12.96 -13.34
C PRO C 175 -5.04 12.06 -14.04
N GLU C 176 -4.84 12.25 -15.34
CA GLU C 176 -3.78 11.52 -16.06
C GLU C 176 -2.41 11.92 -15.53
N LEU C 177 -2.11 13.22 -15.54
CA LEU C 177 -0.85 13.70 -14.99
C LEU C 177 -0.76 13.43 -13.49
N ALA C 178 -1.88 13.47 -12.78
CA ALA C 178 -1.86 13.15 -11.36
C ALA C 178 -1.46 11.70 -11.12
N ARG C 179 -1.93 10.79 -11.98
CA ARG C 179 -1.54 9.38 -11.86
C ARG C 179 -0.18 9.11 -12.48
N LYS C 180 0.18 9.85 -13.53
CA LYS C 180 1.56 9.79 -14.02
C LYS C 180 2.54 10.21 -12.94
N ALA C 181 2.25 11.33 -12.26
CA ALA C 181 3.15 11.82 -11.22
C ALA C 181 3.16 10.94 -9.98
N MET C 182 2.08 10.18 -9.74
CA MET C 182 2.09 9.26 -8.60
C MET C 182 2.76 7.95 -8.95
N LYS C 183 2.66 7.50 -10.20
CA LYS C 183 3.42 6.32 -10.61
C LYS C 183 4.91 6.63 -10.72
N VAL C 184 5.26 7.87 -11.08
CA VAL C 184 6.66 8.25 -11.08
C VAL C 184 7.19 8.37 -9.66
N ALA C 185 6.34 8.83 -8.72
CA ALA C 185 6.75 8.95 -7.33
C ALA C 185 7.02 7.57 -6.72
N ILE C 186 6.17 6.59 -7.02
CA ILE C 186 6.36 5.25 -6.47
C ILE C 186 7.57 4.58 -7.09
N ARG C 187 7.89 4.87 -8.35
CA ARG C 187 9.13 4.40 -8.94
C ARG C 187 10.32 4.78 -8.08
N LEU C 188 10.38 6.05 -7.67
CA LEU C 188 11.55 6.55 -6.96
C LEU C 188 11.58 6.05 -5.52
N THR C 189 10.46 6.20 -4.80
CA THR C 189 10.41 5.78 -3.41
C THR C 189 10.63 4.28 -3.24
N GLU C 190 10.46 3.49 -4.31
CA GLU C 190 10.79 2.08 -4.23
C GLU C 190 12.30 1.85 -4.37
N GLU C 191 12.92 2.49 -5.36
CA GLU C 191 14.38 2.38 -5.51
C GLU C 191 15.13 3.02 -4.36
N LEU C 192 14.47 3.89 -3.59
CA LEU C 192 15.05 4.36 -2.34
C LEU C 192 15.06 3.26 -1.29
N LEU C 193 14.01 2.43 -1.27
CA LEU C 193 13.98 1.31 -0.33
C LEU C 193 14.98 0.22 -0.71
N LYS C 194 15.21 0.03 -2.02
CA LYS C 194 16.21 -0.94 -2.45
C LYS C 194 17.61 -0.53 -2.02
N LYS C 195 18.01 0.70 -2.33
CA LYS C 195 19.32 1.18 -1.93
C LYS C 195 19.45 1.33 -0.41
N SER C 196 18.34 1.38 0.31
CA SER C 196 18.40 1.50 1.76
C SER C 196 18.38 0.14 2.45
N LEU C 197 17.68 -0.85 1.90
CA LEU C 197 17.75 -2.20 2.43
C LEU C 197 19.08 -2.86 2.11
N ARG C 198 19.68 -2.53 0.96
CA ARG C 198 21.01 -3.02 0.65
C ARG C 198 22.04 -2.51 1.66
N GLU C 199 21.81 -1.31 2.20
CA GLU C 199 22.68 -0.81 3.26
C GLU C 199 22.42 -1.48 4.60
N LEU C 200 21.21 -2.02 4.82
CA LEU C 200 20.98 -2.83 6.00
C LEU C 200 21.65 -4.20 5.89
N ARG C 201 21.64 -4.78 4.69
CA ARG C 201 22.34 -6.05 4.48
C ARG C 201 23.83 -5.91 4.74
N ARG C 202 24.40 -4.74 4.44
CA ARG C 202 25.82 -4.50 4.73
C ARG C 202 26.07 -4.44 6.22
N ILE C 203 25.32 -3.59 6.94
CA ILE C 203 25.56 -3.42 8.37
C ILE C 203 25.11 -4.64 9.15
N LEU C 204 24.20 -5.46 8.61
CA LEU C 204 23.90 -6.75 9.22
C LEU C 204 25.13 -7.64 9.25
N GLU C 205 25.76 -7.82 8.08
CA GLU C 205 26.98 -8.62 8.01
C GLU C 205 28.14 -7.95 8.73
N GLU C 206 28.07 -6.63 8.96
CA GLU C 206 29.03 -5.98 9.85
C GLU C 206 28.79 -6.40 11.29
N LEU C 207 27.52 -6.39 11.72
CA LEU C 207 27.15 -6.88 13.04
C LEU C 207 27.20 -8.39 13.15
N LYS C 208 27.71 -9.09 12.15
CA LYS C 208 27.93 -10.53 12.22
C LYS C 208 29.40 -10.92 12.18
N GLU C 209 30.25 -10.10 11.54
CA GLU C 209 31.68 -10.30 11.63
C GLU C 209 32.31 -9.57 12.80
N MET C 210 31.68 -8.51 13.28
CA MET C 210 32.10 -7.84 14.51
C MET C 210 31.70 -8.64 15.76
N LEU C 211 31.04 -9.79 15.58
CA LEU C 211 30.64 -10.63 16.69
C LEU C 211 31.24 -12.02 16.61
N GLU C 212 31.01 -12.75 15.50
CA GLU C 212 31.45 -14.14 15.40
C GLU C 212 32.93 -14.29 15.70
N ARG C 213 33.74 -13.28 15.36
CA ARG C 213 35.11 -13.22 15.86
C ARG C 213 35.14 -12.73 17.30
N LEU C 214 34.45 -11.64 17.59
CA LEU C 214 34.58 -10.93 18.85
C LEU C 214 33.56 -11.37 19.90
N GLU C 215 32.88 -12.49 19.70
CA GLU C 215 32.10 -13.09 20.77
C GLU C 215 32.98 -13.80 21.79
N LYS C 216 34.18 -14.21 21.38
CA LYS C 216 35.09 -14.90 22.29
C LYS C 216 35.91 -13.93 23.12
N ASN C 217 36.14 -12.71 22.62
CA ASN C 217 36.97 -11.72 23.29
C ASN C 217 36.08 -10.68 23.95
N PRO C 218 35.84 -10.76 25.26
CA PRO C 218 34.99 -9.78 25.95
C PRO C 218 35.77 -8.53 26.39
N ASP C 219 36.53 -7.95 25.47
CA ASP C 219 37.37 -6.82 25.80
C ASP C 219 36.53 -5.56 26.00
N LYS C 220 37.15 -4.55 26.62
CA LYS C 220 36.48 -3.27 26.79
C LYS C 220 36.40 -2.50 25.48
N ASP C 221 37.40 -2.66 24.61
CA ASP C 221 37.35 -2.02 23.30
C ASP C 221 36.51 -2.82 22.31
N VAL C 222 36.46 -4.14 22.47
CA VAL C 222 35.64 -4.97 21.59
C VAL C 222 34.16 -4.71 21.84
N ILE C 223 33.75 -4.71 23.10
CA ILE C 223 32.34 -4.52 23.43
C ILE C 223 31.88 -3.12 23.04
N VAL C 224 32.74 -2.12 23.21
CA VAL C 224 32.38 -0.76 22.80
C VAL C 224 32.35 -0.66 21.28
N LYS C 225 33.24 -1.37 20.58
CA LYS C 225 33.13 -1.46 19.12
C LYS C 225 31.80 -2.07 18.71
N VAL C 226 31.35 -3.10 19.41
CA VAL C 226 30.08 -3.74 19.08
C VAL C 226 28.91 -2.78 19.29
N LEU C 227 28.92 -2.04 20.40
CA LEU C 227 27.86 -1.08 20.66
C LEU C 227 27.86 0.07 19.66
N LYS C 228 28.98 0.30 18.99
CA LYS C 228 29.04 1.35 17.97
C LYS C 228 28.45 0.89 16.65
N VAL C 229 28.53 -0.40 16.34
CA VAL C 229 27.93 -0.89 15.11
C VAL C 229 26.45 -1.20 15.31
N ILE C 230 26.05 -1.54 16.54
CA ILE C 230 24.65 -1.84 16.82
C ILE C 230 23.78 -0.62 16.56
N VAL C 231 24.24 0.56 16.96
CA VAL C 231 23.45 1.77 16.80
C VAL C 231 23.58 2.35 15.39
N LYS C 232 24.75 2.21 14.77
CA LYS C 232 24.87 2.60 13.36
C LYS C 232 23.99 1.74 12.47
N ALA C 233 23.62 0.55 12.91
CA ALA C 233 22.57 -0.22 12.23
C ALA C 233 21.20 0.34 12.55
N ILE C 234 20.96 0.69 13.81
CA ILE C 234 19.69 1.28 14.21
C ILE C 234 19.52 2.65 13.54
N GLU C 235 20.61 3.38 13.36
CA GLU C 235 20.54 4.63 12.62
C GLU C 235 20.08 4.41 11.19
N ALA C 236 20.33 3.22 10.63
CA ALA C 236 20.01 2.95 9.24
C ALA C 236 18.64 2.30 9.06
N SER C 237 18.20 1.48 10.02
CA SER C 237 16.86 0.91 9.94
C SER C 237 15.79 1.97 10.15
N VAL C 238 16.11 3.05 10.86
CA VAL C 238 15.18 4.16 10.99
C VAL C 238 14.93 4.80 9.63
N GLU C 239 15.98 4.91 8.81
CA GLU C 239 15.81 5.51 7.48
C GLU C 239 14.93 4.65 6.58
N ASN C 240 14.98 3.33 6.73
CA ASN C 240 14.11 2.48 5.92
C ASN C 240 12.67 2.54 6.41
N GLN C 241 12.46 2.72 7.71
CA GLN C 241 11.11 2.93 8.24
C GLN C 241 10.60 4.33 7.95
N ARG C 242 11.47 5.26 7.55
CA ARG C 242 11.03 6.54 7.02
C ARG C 242 10.75 6.47 5.51
N ILE C 243 11.56 5.71 4.78
CA ILE C 243 11.35 5.59 3.34
C ILE C 243 10.16 4.67 3.05
N SER C 244 10.03 3.57 3.79
CA SER C 244 8.86 2.72 3.63
C SER C 244 7.58 3.45 4.00
N ALA C 245 7.65 4.37 4.97
CA ALA C 245 6.50 5.20 5.29
C ALA C 245 6.13 6.11 4.12
N ASP C 246 7.14 6.60 3.39
CA ASP C 246 6.86 7.41 2.21
C ASP C 246 6.27 6.57 1.09
N ASN C 247 6.64 5.29 0.99
CA ASN C 247 5.98 4.39 0.06
C ASN C 247 4.50 4.23 0.39
N GLN C 248 4.19 4.06 1.68
CA GLN C 248 2.79 3.87 2.09
C GLN C 248 1.97 5.14 1.88
N ARG C 249 2.62 6.31 1.91
CA ARG C 249 1.92 7.54 1.56
C ARG C 249 1.82 7.71 0.06
N ALA C 250 2.85 7.29 -0.67
CA ALA C 250 2.78 7.31 -2.13
C ALA C 250 1.77 6.31 -2.66
N LEU C 251 1.58 5.18 -1.96
CA LEU C 251 0.58 4.21 -2.38
C LEU C 251 -0.83 4.64 -1.99
N ALA C 252 -0.97 5.33 -0.85
CA ALA C 252 -2.29 5.76 -0.40
C ALA C 252 -2.86 6.86 -1.29
N ARG C 253 -2.00 7.65 -1.95
CA ARG C 253 -2.46 8.65 -2.90
C ARG C 253 -2.86 8.04 -4.24
N LEU C 254 -2.96 6.71 -4.32
CA LEU C 254 -3.67 6.03 -5.40
C LEU C 254 -5.06 5.60 -4.94
N ALA C 255 -5.69 6.44 -4.14
CA ALA C 255 -7.01 6.15 -3.57
C ALA C 255 -7.70 7.43 -3.13
#